data_4LU5
#
_entry.id   4LU5
#
_cell.length_a   49.900
_cell.length_b   157.261
_cell.length_c   175.890
_cell.angle_alpha   90.00
_cell.angle_beta   90.00
_cell.angle_gamma   90.00
#
_symmetry.space_group_name_H-M   'P 21 21 21'
#
loop_
_entity.id
_entity.type
_entity.pdbx_description
1 polymer A33R
2 polymer 'Murine IgG2a A20G2 Heavy chain Fab domain'
3 polymer 'Murine IgG2a A20G2 Light chain Fab domain'
4 water water
#
loop_
_entity_poly.entity_id
_entity_poly.type
_entity_poly.pdbx_seq_one_letter_code
_entity_poly.pdbx_strand_id
1 'polypeptide(L)'
;MSTTQYDHKESCNGLYYQGSCYILHSDYQMFSDAAANCTAESSTLPNKSDVMITWLIDYVEDTWGSDGNPITKTTSDYQD
SDVSQEVRKYFCVKTMN
;
A,B
2 'polypeptide(L)'
;EVKLVESGGGLVQPGGSLKLSCATSGFTFSDYYIYWVRQTPEKRLEWVAYISNGGYKTYYPDTVKGRFTISRDNAKNILY
LQMSRLKSEDTGIYYCARGMDYWGQGTSVTVSSAKTTAPSVYPLAPVCGDTTGSSVTLGCLVKGYFPEPVTLTWNSGSLS
SGVHTFPAVLQSDLYTLSSSVTVTSSTWPSQSITCNVAHPASSTKVDKKIEPR
;
H,I
3 'polypeptide(L)'
;DVVMTQTPLTLSVTIGQPASISCKSSQSLLYSNGKTYLNWLLQRPGQSPKRLIYLVSKLDSGVPDRFTGSGSGTDFTLKI
SRVEAEDLGIYYCVQGTHFPYTFGGGTKLEIKRADAAPTVSIFPPSSEQLTSGGASVVCFLNNFYPKDINVKWKIDGSER
QNGVLNSWTDQDSKDSTYSMSSTLTLTKDEYERHNSYTCEATHKTSTSPIVKSFNRNEC
;
L,M
#
# COMPACT_ATOMS: atom_id res chain seq x y z
N GLU A 10 -45.98 21.36 -15.94
CA GLU A 10 -46.90 20.20 -16.21
C GLU A 10 -46.35 19.25 -17.28
N SER A 11 -45.67 19.80 -18.28
CA SER A 11 -45.02 19.01 -19.33
C SER A 11 -43.49 19.17 -19.26
N CYS A 12 -42.98 19.37 -18.04
CA CYS A 12 -41.54 19.53 -17.79
C CYS A 12 -40.92 18.20 -17.41
N ASN A 13 -40.11 17.65 -18.31
CA ASN A 13 -39.43 16.37 -18.07
C ASN A 13 -38.22 16.51 -17.14
N GLY A 14 -38.50 16.98 -15.94
CA GLY A 14 -37.48 17.22 -14.94
C GLY A 14 -38.08 17.91 -13.74
N LEU A 15 -37.33 18.85 -13.18
CA LEU A 15 -37.74 19.56 -11.98
C LEU A 15 -38.46 20.86 -12.33
N TYR A 16 -39.76 20.90 -12.07
CA TYR A 16 -40.51 22.14 -12.25
C TYR A 16 -40.60 22.92 -10.93
N TYR A 17 -40.14 24.17 -10.98
CA TYR A 17 -40.18 25.05 -9.81
C TYR A 17 -40.47 26.49 -10.22
N GLN A 18 -41.60 27.00 -9.72
CA GLN A 18 -42.02 28.39 -9.90
C GLN A 18 -41.77 28.94 -11.31
N GLY A 19 -42.47 28.35 -12.28
CA GLY A 19 -42.37 28.77 -13.68
C GLY A 19 -41.02 28.51 -14.33
N SER A 20 -40.26 27.57 -13.75
CA SER A 20 -38.98 27.18 -14.33
C SER A 20 -38.84 25.66 -14.40
N CYS A 21 -38.18 25.18 -15.45
CA CYS A 21 -37.99 23.76 -15.66
C CYS A 21 -36.51 23.40 -15.74
N TYR A 22 -36.06 22.55 -14.83
CA TYR A 22 -34.69 22.07 -14.79
C TYR A 22 -34.60 20.68 -15.41
N ILE A 23 -33.82 20.56 -16.48
CA ILE A 23 -33.62 19.29 -17.15
C ILE A 23 -32.24 18.75 -16.76
N LEU A 24 -32.20 17.52 -16.27
CA LEU A 24 -30.93 16.89 -15.90
C LEU A 24 -30.19 16.35 -17.13
N HIS A 25 -28.91 16.69 -17.22
CA HIS A 25 -28.01 16.06 -18.17
C HIS A 25 -27.08 15.13 -17.38
N SER A 26 -27.16 13.84 -17.68
CA SER A 26 -26.46 12.83 -16.87
C SER A 26 -25.03 12.59 -17.33
N ASP A 27 -24.66 13.17 -18.48
CA ASP A 27 -23.32 13.06 -19.04
C ASP A 27 -22.36 14.01 -18.32
N TYR A 28 -21.27 13.48 -17.78
CA TYR A 28 -20.27 14.29 -17.07
C TYR A 28 -19.52 15.19 -18.03
N GLN A 29 -19.42 16.48 -17.69
CA GLN A 29 -18.78 17.47 -18.53
C GLN A 29 -18.04 18.51 -17.70
N MET A 30 -17.07 19.18 -18.31
CA MET A 30 -16.40 20.30 -17.68
C MET A 30 -17.26 21.54 -17.79
N PHE A 31 -17.20 22.41 -16.79
CA PHE A 31 -18.05 23.59 -16.71
C PHE A 31 -18.25 24.27 -18.07
N SER A 32 -17.14 24.63 -18.71
CA SER A 32 -17.15 25.23 -20.04
C SER A 32 -18.13 24.54 -20.99
N ASP A 33 -17.96 23.23 -21.15
CA ASP A 33 -18.79 22.44 -22.05
C ASP A 33 -20.25 22.36 -21.59
N ALA A 34 -20.44 22.23 -20.27
CA ALA A 34 -21.77 22.21 -19.68
C ALA A 34 -22.50 23.51 -19.98
N ALA A 35 -21.83 24.63 -19.71
CA ALA A 35 -22.36 25.97 -19.99
C ALA A 35 -22.70 26.12 -21.47
N ALA A 36 -21.78 25.69 -22.33
CA ALA A 36 -21.98 25.74 -23.79
C ALA A 36 -23.22 24.95 -24.21
N ASN A 37 -23.37 23.75 -23.67
CA ASN A 37 -24.51 22.89 -23.97
C ASN A 37 -25.84 23.47 -23.51
N CYS A 38 -25.85 24.07 -22.32
CA CYS A 38 -27.07 24.71 -21.83
C CYS A 38 -27.45 25.90 -22.71
N THR A 39 -26.47 26.76 -23.00
CA THR A 39 -26.66 27.91 -23.89
C THR A 39 -27.16 27.50 -25.28
N ALA A 40 -26.60 26.40 -25.79
CA ALA A 40 -26.97 25.85 -27.10
C ALA A 40 -28.44 25.44 -27.17
N GLU A 41 -29.04 25.16 -26.02
CA GLU A 41 -30.46 24.84 -25.93
C GLU A 41 -31.24 25.98 -25.29
N SER A 42 -30.79 27.21 -25.53
CA SER A 42 -31.42 28.43 -25.02
C SER A 42 -31.71 28.35 -23.52
N SER A 43 -30.73 27.87 -22.77
CA SER A 43 -30.86 27.66 -21.34
C SER A 43 -29.60 28.10 -20.62
N THR A 44 -29.72 28.32 -19.31
CA THR A 44 -28.58 28.62 -18.46
C THR A 44 -28.41 27.55 -17.39
N LEU A 45 -27.26 27.55 -16.75
CA LEU A 45 -27.02 26.69 -15.60
C LEU A 45 -27.71 27.30 -14.37
N PRO A 46 -28.04 26.46 -13.37
CA PRO A 46 -28.68 26.95 -12.14
C PRO A 46 -27.82 27.94 -11.38
N ASN A 47 -28.47 28.83 -10.62
CA ASN A 47 -27.78 29.82 -9.80
C ASN A 47 -27.76 29.37 -8.35
N LYS A 48 -26.60 29.48 -7.70
CA LYS A 48 -26.42 29.02 -6.32
C LYS A 48 -27.45 29.64 -5.37
N SER A 49 -27.85 30.88 -5.65
CA SER A 49 -28.84 31.59 -4.86
C SER A 49 -30.20 30.93 -4.97
N ASP A 50 -30.76 30.93 -6.18
CA ASP A 50 -32.12 30.48 -6.46
C ASP A 50 -32.45 29.10 -5.88
N VAL A 51 -31.52 28.16 -6.04
CA VAL A 51 -31.78 26.75 -5.77
C VAL A 51 -31.57 26.35 -4.30
N MET A 52 -30.70 27.07 -3.60
CA MET A 52 -30.40 26.76 -2.21
C MET A 52 -31.56 27.18 -1.32
N ILE A 53 -31.71 26.48 -0.19
CA ILE A 53 -32.79 26.73 0.78
C ILE A 53 -34.18 26.47 0.17
N THR A 54 -34.21 25.69 -0.92
CA THR A 54 -35.46 25.19 -1.49
C THR A 54 -35.45 23.67 -1.40
N TRP A 55 -36.21 23.00 -2.27
CA TRP A 55 -36.19 21.53 -2.33
C TRP A 55 -35.34 21.01 -3.49
N LEU A 56 -35.03 21.88 -4.44
CA LEU A 56 -34.17 21.55 -5.59
C LEU A 56 -32.74 21.20 -5.17
N ILE A 57 -32.35 21.65 -3.97
CA ILE A 57 -30.98 21.54 -3.49
C ILE A 57 -30.45 20.10 -3.48
N ASP A 58 -31.30 19.16 -3.06
CA ASP A 58 -30.92 17.76 -2.93
C ASP A 58 -30.78 17.07 -4.29
N TYR A 59 -31.35 17.69 -5.32
CA TYR A 59 -31.28 17.18 -6.69
C TYR A 59 -30.08 17.76 -7.45
N VAL A 60 -29.74 19.01 -7.13
CA VAL A 60 -28.74 19.76 -7.90
C VAL A 60 -27.38 19.88 -7.21
N GLU A 61 -27.28 19.41 -5.97
CA GLU A 61 -25.98 19.49 -5.29
C GLU A 61 -24.91 18.66 -6.01
N ASP A 62 -23.72 19.23 -6.10
CA ASP A 62 -22.59 18.65 -6.83
C ASP A 62 -22.74 18.69 -8.35
N THR A 63 -23.64 19.56 -8.83
CA THR A 63 -23.77 19.84 -10.25
C THR A 63 -23.35 21.28 -10.52
N TRP A 64 -23.07 21.60 -11.78
CA TRP A 64 -22.54 22.91 -12.13
C TRP A 64 -23.50 24.07 -11.88
N GLY A 65 -23.04 25.04 -11.09
CA GLY A 65 -23.71 26.32 -10.95
C GLY A 65 -23.26 27.25 -12.06
N SER A 66 -23.95 28.37 -12.23
CA SER A 66 -23.64 29.33 -13.30
C SER A 66 -22.27 29.98 -13.13
N ASP A 67 -21.85 30.14 -11.88
CA ASP A 67 -20.57 30.80 -11.55
C ASP A 67 -19.33 29.96 -11.90
N GLY A 68 -19.52 28.66 -12.10
CA GLY A 68 -18.41 27.77 -12.40
C GLY A 68 -18.08 26.85 -11.24
N ASN A 69 -18.66 27.15 -10.08
CA ASN A 69 -18.54 26.30 -8.91
C ASN A 69 -19.69 25.30 -8.83
N PRO A 70 -19.42 24.10 -8.31
CA PRO A 70 -20.50 23.16 -7.99
C PRO A 70 -21.43 23.74 -6.92
N ILE A 71 -22.72 23.47 -7.04
CA ILE A 71 -23.70 23.87 -6.03
C ILE A 71 -23.43 23.06 -4.77
N THR A 72 -23.23 23.75 -3.64
CA THR A 72 -22.92 23.09 -2.36
C THR A 72 -23.66 23.73 -1.19
N LYS A 73 -24.07 22.89 -0.23
CA LYS A 73 -24.61 23.38 1.04
C LYS A 73 -23.49 23.96 1.90
N THR A 74 -22.30 23.40 1.73
CA THR A 74 -21.12 23.81 2.48
C THR A 74 -20.10 24.51 1.58
N THR A 75 -20.07 25.84 1.65
CA THR A 75 -19.09 26.62 0.90
C THR A 75 -17.79 26.72 1.72
N SER A 76 -17.15 25.57 1.90
CA SER A 76 -15.96 25.45 2.73
C SER A 76 -14.72 26.03 2.06
N ASP A 77 -13.64 26.17 2.84
CA ASP A 77 -12.40 26.77 2.35
C ASP A 77 -11.23 25.79 2.49
N GLN A 79 -10.42 24.80 -1.06
CA GLN A 79 -10.51 23.60 -1.88
C GLN A 79 -9.14 23.21 -2.44
N ASP A 80 -8.80 21.93 -2.29
CA ASP A 80 -7.51 21.39 -2.72
C ASP A 80 -7.52 20.82 -4.15
N SER A 81 -8.48 21.28 -4.95
CA SER A 81 -8.67 20.79 -6.31
C SER A 81 -9.30 21.89 -7.18
N ASP A 82 -8.64 22.20 -8.30
CA ASP A 82 -9.15 23.20 -9.23
C ASP A 82 -10.44 22.70 -9.87
N VAL A 83 -11.56 23.31 -9.50
CA VAL A 83 -12.89 22.95 -10.05
C VAL A 83 -12.93 23.07 -11.57
N SER A 84 -12.07 23.93 -12.10
CA SER A 84 -11.96 24.18 -13.54
C SER A 84 -11.32 23.00 -14.27
N GLN A 85 -10.93 21.97 -13.52
CA GLN A 85 -10.28 20.79 -14.08
C GLN A 85 -11.09 19.52 -13.85
N GLU A 86 -12.30 19.66 -13.30
CA GLU A 86 -13.16 18.53 -12.96
C GLU A 86 -14.37 18.42 -13.89
N VAL A 87 -14.98 17.24 -13.91
CA VAL A 87 -16.25 17.04 -14.61
C VAL A 87 -17.39 16.82 -13.63
N ARG A 88 -18.58 17.30 -14.03
CA ARG A 88 -19.80 17.15 -13.23
C ARG A 88 -21.06 17.14 -14.09
N LYS A 89 -22.09 16.45 -13.60
CA LYS A 89 -23.42 16.47 -14.22
C LYS A 89 -23.99 17.87 -14.10
N TYR A 90 -25.07 18.15 -14.83
CA TYR A 90 -25.62 19.51 -14.85
C TYR A 90 -27.09 19.59 -15.22
N PHE A 91 -27.73 20.67 -14.75
CA PHE A 91 -29.10 20.98 -15.12
C PHE A 91 -29.09 22.20 -16.03
N CYS A 92 -29.99 22.20 -17.02
CA CYS A 92 -30.26 23.38 -17.83
C CYS A 92 -31.64 23.94 -17.48
N VAL A 93 -31.71 25.25 -17.27
CA VAL A 93 -32.92 25.92 -16.80
C VAL A 93 -33.55 26.79 -17.89
N LYS A 94 -34.87 26.72 -18.00
CA LYS A 94 -35.62 27.57 -18.93
C LYS A 94 -36.91 28.09 -18.29
N THR A 95 -37.57 29.03 -18.96
CA THR A 95 -38.85 29.55 -18.50
C THR A 95 -39.98 28.64 -18.99
N MET A 96 -40.78 28.13 -18.06
CA MET A 96 -41.83 27.17 -18.36
C MET A 96 -43.20 27.86 -18.52
N ASN A 97 -43.86 28.10 -17.38
CA ASN A 97 -45.24 28.63 -17.32
C ASN A 97 -46.27 27.72 -17.97
N GLU B 10 -47.46 20.55 -10.13
CA GLU B 10 -48.06 21.86 -9.71
C GLU B 10 -47.84 22.17 -8.22
N SER B 11 -48.11 21.18 -7.36
CA SER B 11 -47.80 21.26 -5.94
C SER B 11 -47.05 20.00 -5.50
N CYS B 12 -46.27 19.45 -6.44
CA CYS B 12 -45.43 18.28 -6.21
C CYS B 12 -43.99 18.74 -6.00
N ASN B 13 -43.55 18.73 -4.75
CA ASN B 13 -42.17 19.08 -4.42
C ASN B 13 -41.19 17.94 -4.72
N GLY B 14 -40.97 17.71 -6.01
CA GLY B 14 -40.12 16.62 -6.48
C GLY B 14 -40.39 16.35 -7.94
N LEU B 15 -40.27 15.09 -8.34
CA LEU B 15 -40.48 14.70 -9.74
C LEU B 15 -41.95 14.39 -10.01
N TYR B 16 -42.55 15.09 -10.96
CA TYR B 16 -43.91 14.77 -11.37
C TYR B 16 -43.91 13.98 -12.66
N TYR B 17 -44.60 12.84 -12.65
CA TYR B 17 -44.75 12.04 -13.86
C TYR B 17 -46.01 11.18 -13.84
N GLN B 18 -46.87 11.43 -14.83
CA GLN B 18 -48.08 10.64 -15.10
C GLN B 18 -48.93 10.35 -13.85
N GLY B 19 -49.35 11.42 -13.18
CA GLY B 19 -50.19 11.30 -11.99
C GLY B 19 -49.47 10.69 -10.79
N SER B 20 -48.17 10.87 -10.73
CA SER B 20 -47.37 10.39 -9.61
C SER B 20 -46.32 11.42 -9.21
N CYS B 21 -46.08 11.54 -7.90
CA CYS B 21 -45.14 12.52 -7.37
C CYS B 21 -44.02 11.83 -6.59
N TYR B 22 -42.78 12.11 -7.01
CA TYR B 22 -41.60 11.48 -6.40
C TYR B 22 -40.88 12.46 -5.49
N ILE B 23 -40.95 12.21 -4.19
CA ILE B 23 -40.25 13.02 -3.20
C ILE B 23 -38.93 12.34 -2.83
N LEU B 24 -37.83 13.01 -3.10
CA LEU B 24 -36.50 12.48 -2.78
C LEU B 24 -36.20 12.58 -1.29
N HIS B 25 -35.75 11.48 -0.72
CA HIS B 25 -35.23 11.48 0.63
C HIS B 25 -33.72 11.37 0.55
N SER B 26 -33.05 12.44 0.94
CA SER B 26 -31.61 12.55 0.79
C SER B 26 -30.86 11.84 1.92
N ASP B 27 -31.60 11.42 2.95
CA ASP B 27 -31.05 10.67 4.08
C ASP B 27 -30.84 9.21 3.70
N TYR B 28 -29.59 8.74 3.81
CA TYR B 28 -29.23 7.36 3.48
C TYR B 28 -29.86 6.40 4.48
N GLN B 29 -30.53 5.37 3.96
CA GLN B 29 -31.27 4.43 4.80
C GLN B 29 -31.21 3.03 4.18
N MET B 30 -31.39 2.01 5.01
CA MET B 30 -31.49 0.64 4.54
C MET B 30 -32.89 0.42 3.98
N PHE B 31 -33.04 -0.60 3.15
CA PHE B 31 -34.30 -0.83 2.44
C PHE B 31 -35.51 -0.92 3.38
N SER B 32 -35.40 -1.76 4.41
CA SER B 32 -36.46 -1.95 5.41
C SER B 32 -36.92 -0.64 6.05
N ASP B 33 -35.97 0.25 6.34
CA ASP B 33 -36.26 1.56 6.90
C ASP B 33 -36.82 2.50 5.85
N ALA B 34 -36.29 2.40 4.63
CA ALA B 34 -36.75 3.22 3.52
C ALA B 34 -38.22 2.93 3.20
N ALA B 35 -38.54 1.64 3.09
CA ALA B 35 -39.91 1.19 2.86
C ALA B 35 -40.87 1.70 3.94
N ALA B 36 -40.38 1.72 5.19
CA ALA B 36 -41.17 2.19 6.33
C ALA B 36 -41.49 3.69 6.22
N ASN B 37 -40.46 4.50 5.95
CA ASN B 37 -40.62 5.95 5.85
C ASN B 37 -41.57 6.37 4.73
N CYS B 38 -41.57 5.60 3.65
CA CYS B 38 -42.51 5.84 2.54
C CYS B 38 -43.95 5.48 2.94
N THR B 39 -44.12 4.34 3.61
CA THR B 39 -45.43 3.92 4.12
C THR B 39 -45.95 4.90 5.17
N ALA B 40 -45.09 5.32 6.08
CA ALA B 40 -45.43 6.30 7.11
C ALA B 40 -45.92 7.64 6.53
N GLU B 41 -45.76 7.78 5.21
CA GLU B 41 -46.24 8.95 4.48
C GLU B 41 -47.17 8.56 3.34
N SER B 42 -47.87 7.44 3.53
CA SER B 42 -48.88 6.93 2.59
C SER B 42 -48.36 6.80 1.16
N SER B 43 -47.10 6.40 1.04
CA SER B 43 -46.45 6.26 -0.26
C SER B 43 -45.69 4.93 -0.31
N THR B 44 -45.14 4.61 -1.47
CA THR B 44 -44.27 3.45 -1.61
C THR B 44 -43.01 3.85 -2.37
N LEU B 45 -42.04 2.96 -2.37
CA LEU B 45 -40.83 3.12 -3.19
C LEU B 45 -41.20 2.95 -4.68
N PRO B 46 -40.38 3.52 -5.59
CA PRO B 46 -40.65 3.40 -7.03
C PRO B 46 -40.60 1.97 -7.56
N ASN B 47 -41.33 1.72 -8.65
CA ASN B 47 -41.33 0.44 -9.34
C ASN B 47 -40.34 0.46 -10.51
N LYS B 48 -39.45 -0.54 -10.58
CA LYS B 48 -38.41 -0.56 -11.61
C LYS B 48 -38.93 -0.42 -13.03
N SER B 49 -39.98 -1.18 -13.38
CA SER B 49 -40.57 -1.11 -14.70
C SER B 49 -41.20 0.26 -14.99
N ASP B 50 -41.73 0.90 -13.95
CA ASP B 50 -42.32 2.22 -14.07
C ASP B 50 -41.31 3.29 -14.45
N VAL B 51 -40.08 3.16 -13.96
CA VAL B 51 -39.04 4.17 -14.14
C VAL B 51 -38.04 3.89 -15.27
N MET B 52 -37.68 2.62 -15.45
CA MET B 52 -36.78 2.23 -16.54
C MET B 52 -37.44 2.57 -17.88
N ILE B 53 -36.63 3.11 -18.80
CA ILE B 53 -37.14 3.57 -20.11
C ILE B 53 -38.08 4.78 -19.95
N THR B 54 -37.75 5.66 -19.00
CA THR B 54 -38.37 6.97 -18.87
C THR B 54 -37.32 7.97 -18.38
N TRP B 55 -37.66 9.25 -18.29
CA TRP B 55 -36.70 10.27 -17.88
C TRP B 55 -36.38 10.24 -16.38
N LEU B 56 -37.12 9.43 -15.63
CA LEU B 56 -36.92 9.33 -14.18
C LEU B 56 -35.70 8.47 -13.84
N ILE B 57 -35.33 7.58 -14.77
CA ILE B 57 -34.19 6.67 -14.56
C ILE B 57 -32.91 7.41 -14.16
N ASP B 58 -32.70 8.59 -14.74
CA ASP B 58 -31.50 9.39 -14.46
C ASP B 58 -31.48 9.94 -13.03
N TYR B 59 -32.66 10.14 -12.46
CA TYR B 59 -32.79 10.63 -11.08
C TYR B 59 -32.83 9.50 -10.03
N VAL B 60 -33.38 8.34 -10.42
CA VAL B 60 -33.71 7.28 -9.46
C VAL B 60 -32.72 6.10 -9.47
N GLU B 61 -31.81 6.04 -10.43
CA GLU B 61 -30.82 4.97 -10.43
C GLU B 61 -29.98 5.02 -9.14
N ASP B 62 -29.73 3.85 -8.56
CA ASP B 62 -29.05 3.72 -7.26
C ASP B 62 -29.90 4.12 -6.05
N THR B 63 -31.20 4.31 -6.27
CA THR B 63 -32.14 4.50 -5.16
C THR B 63 -32.98 3.24 -5.00
N TRP B 64 -33.58 3.04 -3.83
CA TRP B 64 -34.35 1.82 -3.56
C TRP B 64 -35.59 1.67 -4.44
N GLY B 65 -35.78 0.44 -4.93
CA GLY B 65 -37.01 0.02 -5.59
C GLY B 65 -37.82 -0.83 -4.65
N SER B 66 -39.15 -0.83 -4.82
CA SER B 66 -40.07 -1.50 -3.90
C SER B 66 -39.71 -2.97 -3.63
N ASP B 67 -38.97 -3.58 -4.55
CA ASP B 67 -38.58 -4.99 -4.41
C ASP B 67 -37.41 -5.22 -3.45
N GLY B 68 -36.67 -4.17 -3.12
CA GLY B 68 -35.53 -4.30 -2.21
C GLY B 68 -34.18 -4.18 -2.88
N ASN B 69 -34.18 -4.20 -4.22
CA ASN B 69 -32.98 -3.94 -5.02
C ASN B 69 -32.92 -2.47 -5.40
N PRO B 70 -31.69 -1.93 -5.57
CA PRO B 70 -31.59 -0.58 -6.11
C PRO B 70 -31.94 -0.59 -7.60
N ILE B 71 -32.61 0.46 -8.06
CA ILE B 71 -32.96 0.59 -9.47
C ILE B 71 -31.68 0.81 -10.29
N THR B 72 -31.47 -0.04 -11.30
CA THR B 72 -30.28 0.06 -12.16
C THR B 72 -30.62 -0.26 -13.62
N LYS B 73 -29.94 0.43 -14.53
CA LYS B 73 -30.03 0.13 -15.96
C LYS B 73 -29.52 -1.30 -16.24
N THR B 74 -28.54 -1.73 -15.44
CA THR B 74 -27.94 -3.05 -15.55
C THR B 74 -28.59 -4.07 -14.61
N THR B 75 -28.76 -5.31 -15.09
CA THR B 75 -29.31 -6.40 -14.28
C THR B 75 -28.19 -7.39 -13.89
N SER B 76 -27.37 -6.97 -12.93
CA SER B 76 -26.18 -7.75 -12.50
C SER B 76 -26.55 -9.00 -11.71
N GLN B 79 -23.48 -10.42 -9.00
CA GLN B 79 -23.14 -9.26 -8.18
C GLN B 79 -22.58 -9.70 -6.82
N ASP B 80 -21.45 -9.12 -6.44
CA ASP B 80 -20.78 -9.46 -5.17
C ASP B 80 -21.02 -8.41 -4.09
N SER B 81 -22.30 -8.21 -3.76
CA SER B 81 -22.72 -7.29 -2.72
C SER B 81 -24.05 -7.75 -2.14
N ASP B 82 -24.18 -7.64 -0.83
CA ASP B 82 -25.39 -8.08 -0.16
C ASP B 82 -26.30 -6.89 0.09
N VAL B 83 -27.11 -6.54 -0.92
CA VAL B 83 -27.93 -5.31 -0.90
C VAL B 83 -28.73 -5.13 0.39
N SER B 84 -29.04 -6.25 1.02
CA SER B 84 -29.80 -6.30 2.27
C SER B 84 -29.07 -5.62 3.43
N GLN B 85 -27.76 -5.41 3.28
CA GLN B 85 -26.90 -4.87 4.32
C GLN B 85 -26.41 -3.45 4.02
N GLU B 86 -26.83 -2.92 2.86
CA GLU B 86 -26.41 -1.60 2.37
C GLU B 86 -27.38 -0.46 2.70
N VAL B 87 -26.91 0.77 2.50
CA VAL B 87 -27.75 1.97 2.61
C VAL B 87 -27.75 2.73 1.29
N ARG B 88 -28.90 3.32 0.96
CA ARG B 88 -29.08 4.09 -0.28
C ARG B 88 -30.16 5.15 -0.10
N LYS B 89 -30.13 6.16 -0.96
CA LYS B 89 -31.19 7.17 -1.00
C LYS B 89 -32.47 6.55 -1.58
N TYR B 90 -33.58 7.25 -1.43
CA TYR B 90 -34.85 6.72 -1.91
C TYR B 90 -35.86 7.80 -2.26
N PHE B 91 -36.77 7.45 -3.17
CA PHE B 91 -37.89 8.30 -3.49
C PHE B 91 -39.15 7.68 -2.90
N CYS B 92 -40.09 8.53 -2.49
CA CYS B 92 -41.42 8.05 -2.12
C CYS B 92 -42.43 8.49 -3.17
N VAL B 93 -43.26 7.55 -3.59
CA VAL B 93 -44.24 7.79 -4.65
C VAL B 93 -45.66 7.89 -4.11
N LYS B 94 -46.21 9.09 -4.15
CA LYS B 94 -47.63 9.29 -3.89
C LYS B 94 -48.29 9.63 -5.22
N THR B 95 -49.46 9.05 -5.47
CA THR B 95 -50.20 9.34 -6.70
C THR B 95 -50.94 10.68 -6.61
N MET B 96 -50.78 11.47 -7.67
CA MET B 96 -51.07 12.90 -7.68
C MET B 96 -52.29 13.22 -8.54
N ASN B 97 -52.35 14.46 -9.01
CA ASN B 97 -53.31 14.99 -10.01
C ASN B 97 -54.12 16.20 -9.55
N GLU C 1 -6.67 -8.74 -5.64
CA GLU C 1 -6.86 -9.60 -4.43
C GLU C 1 -7.23 -8.78 -3.20
N VAL C 2 -8.49 -8.94 -2.77
CA VAL C 2 -9.01 -8.27 -1.58
C VAL C 2 -8.19 -8.69 -0.36
N LYS C 3 -7.82 -7.72 0.47
CA LYS C 3 -6.97 -7.97 1.63
C LYS C 3 -7.41 -7.16 2.84
N LEU C 4 -7.53 -7.83 3.99
CA LEU C 4 -7.90 -7.19 5.25
C LEU C 4 -6.96 -7.63 6.36
N VAL C 5 -6.46 -6.67 7.13
CA VAL C 5 -5.50 -6.96 8.20
C VAL C 5 -5.86 -6.22 9.50
N GLU C 6 -6.17 -7.00 10.54
CA GLU C 6 -6.49 -6.46 11.85
C GLU C 6 -5.24 -6.04 12.61
N SER C 7 -5.38 -5.06 13.51
CA SER C 7 -4.26 -4.51 14.28
C SER C 7 -4.70 -4.07 15.67
N GLY C 8 -3.71 -3.77 16.51
CA GLY C 8 -3.97 -3.44 17.90
C GLY C 8 -4.23 -4.72 18.64
N GLY C 9 -4.89 -4.63 19.78
CA GLY C 9 -5.15 -5.82 20.57
C GLY C 9 -3.97 -6.18 21.45
N GLY C 10 -4.14 -5.94 22.74
CA GLY C 10 -3.20 -6.37 23.77
C GLY C 10 -4.04 -6.93 24.90
N LEU C 11 -3.50 -6.87 26.11
CA LEU C 11 -4.23 -7.25 27.30
C LEU C 11 -4.76 -5.98 27.97
N VAL C 12 -6.06 -5.94 28.27
CA VAL C 12 -6.68 -4.76 28.85
C VAL C 12 -7.39 -5.08 30.16
N GLN C 13 -7.21 -4.21 31.15
CA GLN C 13 -7.84 -4.37 32.47
C GLN C 13 -9.32 -3.96 32.42
N PRO C 14 -10.18 -4.72 33.12
CA PRO C 14 -11.64 -4.47 33.11
C PRO C 14 -12.03 -3.02 33.40
N GLY C 15 -12.14 -2.22 32.34
CA GLY C 15 -12.44 -0.81 32.44
C GLY C 15 -11.69 -0.01 31.39
N GLY C 16 -10.46 -0.44 31.12
CA GLY C 16 -9.59 0.24 30.17
C GLY C 16 -10.12 0.31 28.75
N SER C 17 -9.39 1.02 27.91
CA SER C 17 -9.76 1.23 26.51
C SER C 17 -8.73 0.59 25.60
N LEU C 18 -9.13 0.33 24.36
CA LEU C 18 -8.22 -0.20 23.34
C LEU C 18 -8.77 0.18 21.98
N LYS C 19 -7.88 0.51 21.05
CA LYS C 19 -8.27 0.93 19.72
C LYS C 19 -7.72 -0.03 18.68
N LEU C 20 -8.61 -0.69 17.94
CA LEU C 20 -8.21 -1.65 16.90
C LEU C 20 -8.17 -1.02 15.53
N SER C 21 -7.44 -1.66 14.61
CA SER C 21 -7.33 -1.19 13.23
C SER C 21 -7.60 -2.30 12.22
N CYS C 22 -8.31 -1.98 11.14
CA CYS C 22 -8.49 -2.89 10.03
C CYS C 22 -7.97 -2.24 8.75
N ALA C 23 -6.77 -2.67 8.32
CA ALA C 23 -6.14 -2.13 7.13
C ALA C 23 -6.62 -2.86 5.88
N THR C 24 -7.08 -2.10 4.89
CA THR C 24 -7.67 -2.67 3.68
C THR C 24 -6.86 -2.35 2.42
N SER C 25 -7.00 -3.20 1.41
CA SER C 25 -6.47 -2.95 0.07
C SER C 25 -7.16 -3.88 -0.94
N GLY C 26 -7.06 -3.56 -2.22
CA GLY C 26 -7.58 -4.44 -3.27
C GLY C 26 -9.02 -4.20 -3.66
N PHE C 27 -9.65 -3.18 -3.06
CA PHE C 27 -11.02 -2.79 -3.36
C PHE C 27 -11.27 -1.33 -2.95
N THR C 28 -12.23 -0.68 -3.60
CA THR C 28 -12.62 0.68 -3.22
C THR C 28 -13.27 0.71 -1.82
N PHE C 29 -12.49 1.15 -0.85
CA PHE C 29 -12.86 1.21 0.56
C PHE C 29 -14.27 1.77 0.83
N SER C 30 -14.62 2.86 0.17
CA SER C 30 -15.90 3.54 0.39
C SER C 30 -17.09 2.79 -0.20
N ASP C 31 -16.84 1.97 -1.23
CA ASP C 31 -17.92 1.28 -1.94
C ASP C 31 -18.55 0.14 -1.13
N TYR C 32 -17.86 -0.28 -0.07
CA TYR C 32 -18.28 -1.44 0.70
C TYR C 32 -18.58 -1.13 2.17
N TYR C 33 -19.67 -1.73 2.65
CA TYR C 33 -19.97 -1.77 4.09
C TYR C 33 -19.06 -2.82 4.74
N ILE C 34 -18.58 -2.53 5.95
CA ILE C 34 -17.68 -3.45 6.66
C ILE C 34 -18.17 -3.68 8.09
N TYR C 35 -18.15 -4.94 8.49
CA TYR C 35 -18.52 -5.35 9.85
C TYR C 35 -17.31 -5.57 10.73
N TRP C 36 -17.48 -5.37 12.03
CA TRP C 36 -16.55 -5.87 13.02
C TRP C 36 -17.22 -7.04 13.75
N VAL C 37 -16.66 -8.23 13.57
CA VAL C 37 -17.20 -9.45 14.18
C VAL C 37 -16.18 -10.05 15.15
N ARG C 38 -16.64 -10.47 16.33
CA ARG C 38 -15.75 -11.11 17.31
C ARG C 38 -16.08 -12.58 17.56
N GLN C 39 -15.03 -13.33 17.90
CA GLN C 39 -15.15 -14.73 18.24
C GLN C 39 -14.77 -14.93 19.70
N THR C 40 -15.75 -15.34 20.50
CA THR C 40 -15.57 -15.58 21.93
C THR C 40 -14.75 -16.86 22.17
N PRO C 41 -14.24 -17.07 23.39
CA PRO C 41 -13.61 -18.37 23.72
C PRO C 41 -14.53 -19.56 23.50
N GLU C 42 -15.83 -19.42 23.77
CA GLU C 42 -16.83 -20.46 23.47
C GLU C 42 -16.98 -20.71 21.96
N LYS C 43 -16.34 -19.85 21.17
CA LYS C 43 -16.28 -19.97 19.72
C LYS C 43 -17.63 -19.73 19.01
N ARG C 44 -18.38 -18.76 19.51
CA ARG C 44 -19.53 -18.23 18.78
C ARG C 44 -19.12 -16.91 18.12
N LEU C 45 -19.83 -16.54 17.06
CA LEU C 45 -19.50 -15.34 16.27
C LEU C 45 -20.54 -14.24 16.47
N GLU C 46 -20.07 -13.04 16.80
CA GLU C 46 -20.95 -11.91 17.13
C GLU C 46 -20.51 -10.62 16.46
N TRP C 47 -21.47 -9.94 15.84
CA TRP C 47 -21.21 -8.62 15.30
C TRP C 47 -21.12 -7.61 16.45
N VAL C 48 -20.18 -6.68 16.33
CA VAL C 48 -20.01 -5.62 17.33
C VAL C 48 -20.09 -4.21 16.75
N ALA C 49 -19.88 -4.09 15.43
CA ALA C 49 -19.92 -2.77 14.77
C ALA C 49 -20.07 -2.85 13.25
N TYR C 50 -21.06 -2.12 12.75
CA TYR C 50 -21.33 -2.01 11.33
C TYR C 50 -21.14 -0.56 10.87
N ILE C 51 -20.46 -0.40 9.74
CA ILE C 51 -20.36 0.89 9.06
C ILE C 51 -20.81 0.75 7.61
N SER C 52 -21.72 1.60 7.19
CA SER C 52 -22.39 1.47 5.89
C SER C 52 -21.44 1.73 4.72
N ASN C 53 -21.91 1.43 3.52
CA ASN C 53 -21.21 1.83 2.31
C ASN C 53 -21.23 3.35 2.22
N GLY C 54 -20.09 3.95 1.84
CA GLY C 54 -19.94 5.40 1.84
C GLY C 54 -19.90 6.00 3.23
N GLY C 55 -19.82 5.14 4.24
CA GLY C 55 -19.65 5.56 5.63
C GLY C 55 -20.84 6.28 6.26
N TYR C 56 -21.92 6.41 5.49
CA TYR C 56 -23.04 7.27 5.88
C TYR C 56 -23.65 6.92 7.23
N LYS C 57 -23.86 5.63 7.49
CA LYS C 57 -24.46 5.21 8.76
C LYS C 57 -23.57 4.22 9.53
N THR C 58 -23.68 4.27 10.86
CA THR C 58 -22.97 3.34 11.74
C THR C 58 -23.97 2.74 12.74
N TYR C 59 -23.78 1.46 13.08
CA TYR C 59 -24.71 0.76 13.98
C TYR C 59 -23.98 -0.21 14.93
N TYR C 60 -24.52 -0.34 16.14
CA TYR C 60 -23.95 -1.21 17.17
C TYR C 60 -25.03 -2.06 17.86
N PRO C 61 -24.64 -3.24 18.38
CA PRO C 61 -25.56 -4.03 19.20
C PRO C 61 -25.65 -3.47 20.62
N ASP C 62 -26.77 -3.75 21.29
CA ASP C 62 -27.05 -3.21 22.64
C ASP C 62 -25.97 -3.48 23.68
N THR C 63 -25.35 -4.66 23.60
CA THR C 63 -24.29 -5.07 24.53
C THR C 63 -23.07 -4.16 24.43
N VAL C 64 -23.00 -3.40 23.34
CA VAL C 64 -21.81 -2.68 22.96
C VAL C 64 -22.04 -1.17 22.74
N LYS C 65 -23.29 -0.77 22.55
CA LYS C 65 -23.66 0.65 22.40
C LYS C 65 -23.18 1.50 23.58
N GLY C 66 -22.77 2.73 23.29
CA GLY C 66 -22.34 3.66 24.31
C GLY C 66 -20.93 3.42 24.84
N ARG C 67 -20.20 2.51 24.21
CA ARG C 67 -18.81 2.21 24.61
C ARG C 67 -17.91 1.79 23.44
N PHE C 68 -18.53 1.31 22.37
CA PHE C 68 -17.81 1.02 21.13
C PHE C 68 -18.13 2.10 20.10
N THR C 69 -17.09 2.64 19.47
CA THR C 69 -17.27 3.62 18.40
C THR C 69 -16.41 3.25 17.20
N ILE C 70 -17.02 3.24 16.03
CA ILE C 70 -16.31 2.89 14.79
C ILE C 70 -15.83 4.14 14.04
N SER C 71 -14.52 4.22 13.81
CA SER C 71 -13.90 5.34 13.09
C SER C 71 -13.45 4.90 11.70
N ARG C 72 -13.00 5.86 10.90
CA ARG C 72 -12.58 5.59 9.52
C ARG C 72 -11.53 6.60 9.06
N ASP C 73 -10.75 6.19 8.06
CA ASP C 73 -9.71 7.03 7.47
C ASP C 73 -9.73 6.84 5.95
N ASN C 74 -10.39 7.76 5.24
CA ASN C 74 -10.54 7.67 3.79
C ASN C 74 -9.24 7.86 3.00
N ALA C 75 -8.30 8.60 3.59
CA ALA C 75 -6.98 8.77 3.00
C ALA C 75 -6.21 7.45 3.04
N LYS C 76 -6.02 6.90 4.24
CA LYS C 76 -5.20 5.70 4.43
C LYS C 76 -5.93 4.40 4.08
N ASN C 77 -7.25 4.45 3.98
CA ASN C 77 -8.10 3.26 3.77
C ASN C 77 -8.08 2.28 4.94
N ILE C 78 -8.15 2.81 6.16
CA ILE C 78 -8.10 2.03 7.39
C ILE C 78 -9.40 2.15 8.18
N LEU C 79 -9.82 1.05 8.80
CA LEU C 79 -11.02 1.04 9.64
C LEU C 79 -10.68 0.85 11.11
N TYR C 80 -11.24 1.70 11.96
CA TYR C 80 -10.94 1.67 13.39
C TYR C 80 -12.12 1.22 14.24
N LEU C 81 -11.81 0.44 15.28
CA LEU C 81 -12.77 0.17 16.33
C LEU C 81 -12.22 0.69 17.65
N GLN C 82 -12.80 1.79 18.12
CA GLN C 82 -12.46 2.34 19.41
C GLN C 82 -13.39 1.75 20.44
N MET C 83 -12.81 1.01 21.39
CA MET C 83 -13.59 0.44 22.48
C MET C 83 -13.11 0.94 23.85
N SER C 84 -14.05 0.98 24.80
CA SER C 84 -13.80 1.49 26.13
C SER C 84 -14.76 0.81 27.11
N ARG C 85 -14.60 1.09 28.41
CA ARG C 85 -15.36 0.43 29.50
C ARG C 85 -15.35 -1.08 29.32
N LEU C 86 -14.17 -1.64 28.99
CA LEU C 86 -14.05 -3.03 28.58
C LEU C 86 -14.46 -4.06 29.64
N LYS C 87 -15.43 -4.90 29.27
CA LYS C 87 -15.89 -6.01 30.09
C LYS C 87 -15.08 -7.25 29.77
N SER C 88 -15.12 -8.25 30.66
CA SER C 88 -14.43 -9.53 30.45
C SER C 88 -15.06 -10.33 29.31
N GLU C 89 -16.33 -10.06 29.02
CA GLU C 89 -17.06 -10.75 27.97
C GLU C 89 -16.74 -10.20 26.59
N ASP C 90 -15.95 -9.12 26.57
CA ASP C 90 -15.47 -8.54 25.31
C ASP C 90 -14.26 -9.29 24.79
N THR C 91 -13.81 -10.28 25.56
CA THR C 91 -12.61 -11.05 25.24
C THR C 91 -12.82 -11.94 24.01
N GLY C 92 -11.83 -11.94 23.12
CA GLY C 92 -11.86 -12.80 21.94
C GLY C 92 -11.06 -12.31 20.74
N ILE C 93 -11.12 -13.09 19.66
CA ILE C 93 -10.48 -12.70 18.41
C ILE C 93 -11.44 -11.84 17.60
N TYR C 94 -11.00 -10.61 17.31
CA TYR C 94 -11.80 -9.63 16.60
C TYR C 94 -11.47 -9.60 15.11
N TYR C 95 -12.52 -9.75 14.30
CA TYR C 95 -12.39 -9.76 12.85
C TYR C 95 -13.06 -8.55 12.25
N CYS C 96 -12.51 -8.05 11.15
CA CYS C 96 -13.25 -7.16 10.26
C CYS C 96 -13.60 -7.96 9.01
N ALA C 97 -14.84 -7.82 8.55
CA ALA C 97 -15.31 -8.59 7.41
C ALA C 97 -16.01 -7.72 6.38
N ARG C 98 -15.52 -7.78 5.14
CA ARG C 98 -16.17 -7.12 4.01
C ARG C 98 -17.26 -8.05 3.48
N GLY C 99 -18.32 -8.21 4.27
CA GLY C 99 -19.33 -9.25 4.02
C GLY C 99 -18.83 -10.58 4.56
N MET C 100 -19.69 -11.61 4.50
CA MET C 100 -19.31 -12.96 4.95
C MET C 100 -18.35 -13.59 3.96
N ASP C 101 -18.13 -12.88 2.87
CA ASP C 101 -17.27 -13.24 1.77
C ASP C 101 -15.78 -13.18 2.16
N TYR C 102 -15.39 -12.11 2.87
CA TYR C 102 -13.97 -11.82 3.16
C TYR C 102 -13.73 -11.48 4.62
N TRP C 103 -12.88 -12.26 5.28
CA TRP C 103 -12.51 -12.01 6.68
C TRP C 103 -11.01 -11.83 6.76
N GLY C 104 -10.58 -10.89 7.59
CA GLY C 104 -9.16 -10.72 7.89
C GLY C 104 -8.65 -11.87 8.74
N GLN C 105 -7.35 -11.87 9.03
CA GLN C 105 -6.77 -12.93 9.85
C GLN C 105 -7.25 -12.87 11.30
N GLY C 106 -7.60 -11.65 11.75
CA GLY C 106 -8.13 -11.43 13.09
C GLY C 106 -7.09 -10.92 14.07
N THR C 107 -7.57 -10.35 15.17
CA THR C 107 -6.67 -9.84 16.20
C THR C 107 -7.17 -10.18 17.62
N SER C 108 -6.24 -10.57 18.48
CA SER C 108 -6.57 -11.06 19.82
C SER C 108 -6.72 -9.94 20.83
N VAL C 109 -7.83 -9.97 21.59
CA VAL C 109 -8.10 -8.99 22.63
C VAL C 109 -8.53 -9.72 23.91
N THR C 110 -7.73 -9.59 24.97
CA THR C 110 -8.03 -10.25 26.25
C THR C 110 -8.33 -9.23 27.36
N VAL C 111 -9.41 -9.47 28.10
CA VAL C 111 -9.83 -8.59 29.19
C VAL C 111 -9.69 -9.28 30.56
N SER C 112 -8.61 -8.94 31.26
CA SER C 112 -8.25 -9.56 32.52
C SER C 112 -7.41 -8.59 33.36
N SER C 113 -7.56 -8.68 34.69
CA SER C 113 -6.75 -7.87 35.60
C SER C 113 -5.38 -8.51 35.82
N ALA C 114 -5.27 -9.80 35.50
CA ALA C 114 -4.03 -10.56 35.56
C ALA C 114 -2.90 -9.86 34.81
N LYS C 115 -1.75 -9.75 35.46
CA LYS C 115 -0.65 -8.97 34.91
C LYS C 115 0.17 -9.74 33.89
N THR C 116 0.76 -9.01 32.96
CA THR C 116 1.62 -9.56 31.91
C THR C 116 2.81 -10.27 32.52
N THR C 117 3.14 -11.45 31.99
CA THR C 117 4.29 -12.22 32.45
C THR C 117 4.97 -12.88 31.24
N ALA C 118 6.29 -12.76 31.19
CA ALA C 118 7.06 -13.29 30.06
C ALA C 118 7.25 -14.81 30.15
N PRO C 119 7.38 -15.48 28.99
CA PRO C 119 7.57 -16.93 28.98
C PRO C 119 8.99 -17.36 29.35
N SER C 120 9.10 -18.45 30.09
CA SER C 120 10.36 -19.16 30.26
C SER C 120 10.39 -20.27 29.22
N VAL C 121 11.47 -20.32 28.45
CA VAL C 121 11.55 -21.24 27.32
C VAL C 121 12.58 -22.33 27.57
N TYR C 122 12.17 -23.58 27.36
CA TYR C 122 12.99 -24.73 27.68
C TYR C 122 13.11 -25.73 26.52
N PRO C 123 14.36 -26.03 26.10
CA PRO C 123 14.59 -27.01 25.04
C PRO C 123 14.42 -28.44 25.52
N LEU C 124 13.76 -29.27 24.71
CA LEU C 124 13.53 -30.67 25.06
C LEU C 124 14.29 -31.61 24.12
N ALA C 125 15.24 -32.34 24.68
CA ALA C 125 16.05 -33.30 23.92
C ALA C 125 15.99 -34.66 24.61
N PRO C 126 16.04 -35.76 23.82
CA PRO C 126 15.92 -37.10 24.41
C PRO C 126 17.14 -37.50 25.25
N VAL C 127 16.93 -38.40 26.20
CA VAL C 127 17.97 -38.82 27.15
C VAL C 127 19.05 -39.71 26.50
N CYS C 128 20.25 -39.13 26.35
CA CYS C 128 21.39 -39.82 25.71
C CYS C 128 21.09 -40.42 24.33
N GLY C 133 16.13 -45.51 17.82
CA GLY C 133 15.31 -45.63 16.63
C GLY C 133 15.90 -44.96 15.39
N SER C 134 15.12 -44.93 14.31
CA SER C 134 15.55 -44.33 13.05
C SER C 134 15.11 -42.86 12.92
N SER C 135 14.09 -42.47 13.67
CA SER C 135 13.61 -41.09 13.67
C SER C 135 13.64 -40.48 15.07
N VAL C 136 13.96 -39.19 15.14
CA VAL C 136 14.13 -38.48 16.40
C VAL C 136 13.06 -37.41 16.59
N THR C 137 12.50 -37.35 17.79
CA THR C 137 11.56 -36.30 18.17
C THR C 137 12.22 -35.29 19.12
N LEU C 138 12.00 -34.01 18.85
CA LEU C 138 12.51 -32.94 19.69
C LEU C 138 11.37 -32.00 20.06
N GLY C 139 11.48 -31.33 21.20
CA GLY C 139 10.41 -30.49 21.71
C GLY C 139 10.86 -29.15 22.28
N CYS C 140 9.88 -28.34 22.66
CA CYS C 140 10.13 -27.02 23.22
C CYS C 140 9.02 -26.66 24.21
N LEU C 141 9.42 -26.28 25.42
CA LEU C 141 8.46 -25.97 26.48
C LEU C 141 8.39 -24.49 26.79
N VAL C 142 7.24 -23.89 26.48
CA VAL C 142 6.97 -22.49 26.76
C VAL C 142 6.09 -22.43 28.01
N LYS C 143 6.64 -21.88 29.10
CA LYS C 143 6.00 -21.99 30.41
C LYS C 143 5.90 -20.65 31.16
N GLY C 144 4.78 -20.46 31.85
CA GLY C 144 4.58 -19.34 32.77
C GLY C 144 4.43 -17.96 32.14
N TYR C 145 3.55 -17.85 31.15
CA TYR C 145 3.34 -16.58 30.44
C TYR C 145 1.88 -16.16 30.39
N PHE C 146 1.66 -14.85 30.40
CA PHE C 146 0.33 -14.28 30.23
C PHE C 146 0.43 -12.95 29.47
N PRO C 147 -0.51 -12.71 28.51
CA PRO C 147 -1.53 -13.64 28.05
C PRO C 147 -1.19 -14.27 26.71
N GLU C 148 -2.16 -14.97 26.12
CA GLU C 148 -2.08 -15.42 24.74
C GLU C 148 -2.13 -14.19 23.81
N PRO C 149 -1.52 -14.29 22.62
CA PRO C 149 -0.86 -15.47 22.04
C PRO C 149 0.67 -15.45 22.08
N VAL C 150 1.25 -16.56 21.61
CA VAL C 150 2.69 -16.69 21.39
C VAL C 150 2.92 -17.39 20.07
N THR C 151 4.01 -17.02 19.39
CA THR C 151 4.35 -17.61 18.10
C THR C 151 5.61 -18.48 18.21
N LEU C 152 5.48 -19.73 17.79
CA LEU C 152 6.58 -20.68 17.84
C LEU C 152 6.84 -21.30 16.47
N THR C 153 8.08 -21.19 16.02
CA THR C 153 8.50 -21.82 14.76
C THR C 153 9.71 -22.74 15.00
N TRP C 154 10.07 -23.50 13.98
CA TRP C 154 11.27 -24.31 14.00
C TRP C 154 12.15 -23.94 12.81
N ASN C 155 13.38 -23.53 13.10
CA ASN C 155 14.29 -22.95 12.10
C ASN C 155 13.67 -21.73 11.40
N SER C 156 13.04 -20.88 12.22
CA SER C 156 12.35 -19.66 11.79
C SER C 156 11.34 -19.83 10.63
N GLY C 157 10.86 -21.07 10.47
CA GLY C 157 9.88 -21.39 9.43
C GLY C 157 10.34 -22.47 8.48
N SER C 158 11.66 -22.64 8.37
CA SER C 158 12.27 -23.60 7.43
C SER C 158 11.81 -25.03 7.65
N LEU C 159 11.61 -25.40 8.91
CA LEU C 159 11.13 -26.72 9.28
C LEU C 159 9.72 -26.59 9.85
N SER C 160 8.75 -27.18 9.15
CA SER C 160 7.35 -27.08 9.55
C SER C 160 6.57 -28.38 9.33
N SER C 161 7.15 -29.29 8.54
CA SER C 161 6.54 -30.59 8.35
C SER C 161 6.85 -31.49 9.54
N GLY C 162 5.81 -32.15 10.05
CA GLY C 162 5.93 -33.05 11.19
C GLY C 162 5.97 -32.36 12.54
N VAL C 163 5.53 -31.10 12.58
CA VAL C 163 5.46 -30.36 13.84
C VAL C 163 4.09 -30.50 14.49
N HIS C 164 4.07 -30.42 15.81
CA HIS C 164 2.85 -30.45 16.59
C HIS C 164 2.94 -29.41 17.70
N THR C 165 2.51 -28.19 17.40
CA THR C 165 2.41 -27.15 18.41
C THR C 165 1.09 -27.32 19.16
N PHE C 166 1.19 -27.65 20.44
CA PHE C 166 0.03 -27.94 21.27
C PHE C 166 -0.62 -26.66 21.77
N PRO C 167 -1.97 -26.62 21.78
CA PRO C 167 -2.71 -25.46 22.26
C PRO C 167 -2.37 -25.10 23.71
N ALA C 168 -2.18 -23.81 23.95
CA ALA C 168 -1.90 -23.29 25.29
C ALA C 168 -2.92 -23.77 26.31
N VAL C 169 -2.49 -23.93 27.55
CA VAL C 169 -3.40 -24.32 28.65
C VAL C 169 -3.15 -23.43 29.88
N LEU C 170 -4.24 -22.86 30.42
CA LEU C 170 -4.20 -22.13 31.69
C LEU C 170 -4.08 -23.08 32.85
N GLN C 171 -3.29 -22.69 33.85
CA GLN C 171 -3.16 -23.44 35.09
C GLN C 171 -3.59 -22.61 36.29
N SER C 172 -3.02 -21.41 36.41
CA SER C 172 -3.35 -20.45 37.45
C SER C 172 -2.83 -19.08 37.02
N ASP C 173 -3.66 -18.35 36.28
CA ASP C 173 -3.32 -17.06 35.68
C ASP C 173 -2.03 -17.09 34.85
N LEU C 174 -1.61 -18.30 34.48
CA LEU C 174 -0.41 -18.50 33.68
C LEU C 174 -0.66 -19.59 32.64
N TYR C 175 -0.13 -19.38 31.44
CA TYR C 175 -0.27 -20.35 30.35
C TYR C 175 1.00 -21.19 30.20
N THR C 176 0.82 -22.39 29.66
CA THR C 176 1.94 -23.24 29.29
C THR C 176 1.67 -23.87 27.92
N LEU C 177 2.66 -23.74 27.03
CA LEU C 177 2.58 -24.29 25.69
C LEU C 177 3.77 -25.22 25.46
N SER C 178 3.56 -26.24 24.65
CA SER C 178 4.62 -27.16 24.24
C SER C 178 4.53 -27.45 22.75
N SER C 179 5.67 -27.74 22.12
CA SER C 179 5.67 -28.07 20.70
C SER C 179 6.71 -29.14 20.36
N SER C 180 6.29 -30.11 19.54
CA SER C 180 7.16 -31.21 19.13
C SER C 180 7.49 -31.15 17.65
N VAL C 181 8.72 -31.54 17.32
CA VAL C 181 9.14 -31.67 15.93
C VAL C 181 9.83 -33.02 15.73
N THR C 182 9.61 -33.63 14.57
CA THR C 182 10.22 -34.92 14.26
C THR C 182 10.99 -34.89 12.95
N VAL C 183 12.26 -35.32 13.02
CA VAL C 183 13.08 -35.55 11.84
C VAL C 183 13.74 -36.91 11.95
N THR C 184 14.40 -37.35 10.87
CA THR C 184 15.12 -38.62 10.89
C THR C 184 16.45 -38.50 11.63
N SER C 185 17.06 -39.64 11.97
CA SER C 185 18.34 -39.68 12.68
C SER C 185 19.48 -38.98 11.93
N SER C 186 19.37 -38.92 10.61
CA SER C 186 20.39 -38.28 9.78
C SER C 186 20.40 -36.75 9.88
N THR C 187 19.24 -36.18 10.16
CA THR C 187 19.08 -34.72 10.21
C THR C 187 19.66 -34.13 11.50
N TRP C 188 19.36 -34.78 12.62
CA TRP C 188 19.76 -34.31 13.95
C TRP C 188 20.52 -35.41 14.70
N PRO C 189 21.57 -35.03 15.45
CA PRO C 189 22.06 -33.67 15.72
C PRO C 189 23.01 -33.11 14.66
N SER C 190 23.05 -33.75 13.48
CA SER C 190 23.93 -33.36 12.38
C SER C 190 23.74 -31.91 11.95
N GLN C 191 22.48 -31.48 11.85
CA GLN C 191 22.14 -30.10 11.53
C GLN C 191 21.47 -29.44 12.74
N SER C 192 21.59 -28.12 12.82
CA SER C 192 21.06 -27.37 13.95
C SER C 192 19.55 -27.17 13.85
N ILE C 193 18.83 -27.60 14.88
CA ILE C 193 17.40 -27.37 14.99
C ILE C 193 17.13 -26.37 16.11
N THR C 194 16.54 -25.24 15.74
CA THR C 194 16.31 -24.15 16.68
C THR C 194 14.83 -23.93 16.88
N CYS C 195 14.47 -23.66 18.14
CA CYS C 195 13.11 -23.35 18.53
C CYS C 195 12.94 -21.84 18.74
N ASN C 196 12.35 -21.19 17.75
CA ASN C 196 12.10 -19.75 17.79
C ASN C 196 10.72 -19.46 18.36
N VAL C 197 10.66 -18.58 19.36
CA VAL C 197 9.41 -18.28 20.05
C VAL C 197 9.32 -16.80 20.45
N ALA C 198 8.15 -16.20 20.20
CA ALA C 198 7.94 -14.78 20.47
C ALA C 198 6.65 -14.51 21.24
N HIS C 199 6.76 -13.69 22.28
CA HIS C 199 5.61 -13.22 23.06
C HIS C 199 5.54 -11.69 22.95
N PRO C 200 4.66 -11.17 22.06
CA PRO C 200 4.56 -9.74 21.80
C PRO C 200 4.08 -8.93 23.00
N ALA C 201 3.19 -9.50 23.81
CA ALA C 201 2.62 -8.83 24.98
C ALA C 201 3.66 -8.40 26.02
N SER C 202 4.83 -9.03 25.96
CA SER C 202 5.95 -8.72 26.85
C SER C 202 7.21 -8.38 26.04
N SER C 203 7.05 -8.27 24.72
CA SER C 203 8.13 -7.92 23.80
C SER C 203 9.28 -8.94 23.82
N THR C 204 8.97 -10.17 24.23
CA THR C 204 9.95 -11.24 24.27
C THR C 204 10.11 -11.86 22.88
N LYS C 205 11.36 -12.03 22.44
CA LYS C 205 11.66 -12.77 21.24
C LYS C 205 12.92 -13.61 21.47
N VAL C 206 12.74 -14.81 22.01
CA VAL C 206 13.85 -15.70 22.38
C VAL C 206 13.94 -16.92 21.46
N ASP C 207 15.15 -17.18 20.98
CA ASP C 207 15.45 -18.36 20.18
C ASP C 207 16.26 -19.35 21.02
N LYS C 208 15.90 -20.63 20.94
CA LYS C 208 16.55 -21.65 21.76
C LYS C 208 16.99 -22.86 20.93
N LYS C 209 18.29 -23.12 20.90
CA LYS C 209 18.87 -24.23 20.15
C LYS C 209 18.71 -25.55 20.90
N ILE C 210 18.43 -26.62 20.15
CA ILE C 210 18.25 -27.96 20.74
C ILE C 210 19.56 -28.75 20.69
N GLU C 211 20.18 -28.91 21.86
CA GLU C 211 21.48 -29.59 21.96
C GLU C 211 21.38 -30.93 22.70
N PRO C 212 22.07 -31.97 22.19
CA PRO C 212 22.00 -33.33 22.74
C PRO C 212 22.59 -33.47 24.14
N ARG C 213 22.06 -34.44 24.89
CA ARG C 213 22.47 -34.71 26.26
C ARG C 213 23.54 -35.80 26.31
N GLU D 1 0.39 11.10 4.19
CA GLU D 1 0.65 12.09 3.10
C GLU D 1 0.24 11.55 1.72
N VAL D 2 0.10 12.45 0.76
CA VAL D 2 -0.17 12.08 -0.63
C VAL D 2 1.12 11.56 -1.25
N LYS D 3 1.05 10.39 -1.88
CA LYS D 3 2.22 9.75 -2.48
C LYS D 3 1.93 9.27 -3.90
N LEU D 4 2.88 9.51 -4.81
CA LEU D 4 2.75 9.09 -6.20
C LEU D 4 4.09 8.52 -6.68
N VAL D 5 4.06 7.26 -7.13
CA VAL D 5 5.27 6.59 -7.59
C VAL D 5 5.10 6.11 -9.03
N GLU D 6 5.91 6.66 -9.92
CA GLU D 6 5.94 6.22 -11.31
C GLU D 6 6.77 4.93 -11.46
N SER D 7 6.40 4.11 -12.44
CA SER D 7 7.06 2.84 -12.71
C SER D 7 7.03 2.55 -14.21
N GLY D 8 7.74 1.51 -14.62
CA GLY D 8 7.95 1.24 -16.03
C GLY D 8 9.04 2.14 -16.56
N GLY D 9 9.05 2.38 -17.87
CA GLY D 9 10.05 3.26 -18.46
C GLY D 9 11.35 2.54 -18.75
N GLY D 10 11.96 2.90 -19.87
CA GLY D 10 13.20 2.27 -20.32
C GLY D 10 13.43 2.62 -21.78
N LEU D 11 14.48 2.04 -22.35
CA LEU D 11 14.82 2.25 -23.76
C LEU D 11 13.81 1.55 -24.67
N VAL D 12 13.26 2.29 -25.61
CA VAL D 12 12.35 1.73 -26.61
C VAL D 12 12.74 2.18 -28.01
N GLN D 13 12.67 1.24 -28.95
CA GLN D 13 13.04 1.51 -30.33
C GLN D 13 11.89 2.23 -31.04
N PRO D 14 12.21 3.31 -31.80
CA PRO D 14 11.22 4.13 -32.50
C PRO D 14 10.10 3.33 -33.14
N GLY D 15 8.86 3.62 -32.74
CA GLY D 15 7.70 2.88 -33.22
C GLY D 15 7.34 1.71 -32.32
N GLY D 16 8.00 1.62 -31.16
CA GLY D 16 7.74 0.55 -30.20
C GLY D 16 6.54 0.82 -29.31
N SER D 17 6.54 0.20 -28.14
CA SER D 17 5.45 0.36 -27.16
C SER D 17 5.98 0.30 -25.72
N LEU D 18 5.23 0.90 -24.79
CA LEU D 18 5.59 0.88 -23.37
C LEU D 18 4.40 1.23 -22.47
N LYS D 19 4.32 0.56 -21.32
CA LYS D 19 3.25 0.76 -20.35
C LYS D 19 3.82 1.29 -19.03
N LEU D 20 3.37 2.48 -18.64
CA LEU D 20 3.86 3.11 -17.40
C LEU D 20 2.85 2.99 -16.28
N SER D 21 3.34 2.99 -15.03
CA SER D 21 2.50 2.82 -13.85
C SER D 21 2.61 4.00 -12.91
N CYS D 22 1.48 4.40 -12.33
CA CYS D 22 1.48 5.43 -11.30
C CYS D 22 0.73 4.90 -10.09
N ALA D 23 1.49 4.40 -9.11
CA ALA D 23 0.91 3.88 -7.87
C ALA D 23 0.62 5.04 -6.92
N THR D 24 -0.63 5.16 -6.50
CA THR D 24 -1.07 6.28 -5.67
C THR D 24 -1.49 5.82 -4.28
N SER D 25 -1.25 6.65 -3.27
CA SER D 25 -1.70 6.39 -1.91
C SER D 25 -1.89 7.69 -1.13
N GLY D 26 -2.74 7.67 -0.11
CA GLY D 26 -2.93 8.82 0.77
C GLY D 26 -4.14 9.67 0.41
N PHE D 27 -4.90 9.22 -0.58
CA PHE D 27 -6.12 9.91 -1.02
C PHE D 27 -7.04 8.97 -1.81
N THR D 28 -8.33 9.28 -1.80
CA THR D 28 -9.31 8.48 -2.53
C THR D 28 -9.15 8.67 -4.03
N PHE D 29 -8.38 7.75 -4.62
CA PHE D 29 -8.07 7.70 -6.06
C PHE D 29 -9.15 8.26 -7.00
N SER D 30 -10.40 7.82 -6.81
CA SER D 30 -11.50 8.16 -7.72
C SER D 30 -11.99 9.60 -7.59
N ASP D 31 -11.73 10.22 -6.43
CA ASP D 31 -12.24 11.57 -6.15
C ASP D 31 -11.31 12.68 -6.66
N TYR D 32 -10.38 12.32 -7.54
CA TYR D 32 -9.41 13.25 -8.09
C TYR D 32 -9.12 13.00 -9.56
N TYR D 33 -8.99 14.08 -10.32
CA TYR D 33 -8.44 14.01 -11.66
C TYR D 33 -6.92 13.87 -11.56
N ILE D 34 -6.32 13.16 -12.50
CA ILE D 34 -4.87 13.00 -12.54
C ILE D 34 -4.34 13.30 -13.93
N TYR D 35 -3.22 14.01 -14.01
CA TYR D 35 -2.55 14.26 -15.27
C TYR D 35 -1.35 13.34 -15.44
N TRP D 36 -1.04 13.04 -16.70
CA TRP D 36 0.27 12.50 -17.06
C TRP D 36 1.03 13.63 -17.72
N VAL D 37 2.16 13.99 -17.12
CA VAL D 37 2.96 15.11 -17.59
C VAL D 37 4.37 14.61 -17.89
N ARG D 38 4.92 15.04 -19.03
CA ARG D 38 6.30 14.68 -19.37
C ARG D 38 7.22 15.90 -19.45
N GLN D 39 8.49 15.68 -19.12
CA GLN D 39 9.50 16.72 -19.25
C GLN D 39 10.52 16.36 -20.33
N THR D 40 10.47 17.09 -21.44
CA THR D 40 11.33 16.87 -22.60
C THR D 40 12.79 17.17 -22.28
N PRO D 41 13.73 16.72 -23.13
CA PRO D 41 15.13 17.06 -22.89
C PRO D 41 15.41 18.57 -22.79
N GLU D 42 14.73 19.37 -23.60
CA GLU D 42 14.86 20.84 -23.56
C GLU D 42 14.22 21.42 -22.30
N LYS D 43 13.73 20.53 -21.44
CA LYS D 43 13.12 20.87 -20.15
C LYS D 43 11.92 21.80 -20.23
N ARG D 44 10.97 21.42 -21.10
CA ARG D 44 9.64 21.99 -21.06
C ARG D 44 8.65 20.95 -20.53
N LEU D 45 7.58 21.41 -19.91
CA LEU D 45 6.60 20.52 -19.31
C LEU D 45 5.34 20.42 -20.17
N GLU D 46 4.96 19.18 -20.48
CA GLU D 46 3.89 18.89 -21.42
C GLU D 46 2.94 17.85 -20.84
N TRP D 47 1.64 18.13 -20.91
CA TRP D 47 0.64 17.14 -20.56
C TRP D 47 0.46 16.14 -21.71
N VAL D 48 0.36 14.85 -21.37
CA VAL D 48 0.14 13.82 -22.39
C VAL D 48 -1.19 13.07 -22.22
N ALA D 49 -1.75 13.13 -21.03
CA ALA D 49 -3.00 12.44 -20.74
C ALA D 49 -3.73 13.03 -19.54
N TYR D 50 -5.05 12.99 -19.60
CA TYR D 50 -5.91 13.43 -18.51
C TYR D 50 -7.01 12.41 -18.27
N ILE D 51 -7.18 12.01 -17.01
CA ILE D 51 -8.36 11.24 -16.62
C ILE D 51 -9.09 12.04 -15.54
N SER D 52 -10.40 12.22 -15.70
CA SER D 52 -11.17 13.10 -14.83
C SER D 52 -11.38 12.51 -13.45
N ASN D 53 -11.90 13.33 -12.53
CA ASN D 53 -12.44 12.83 -11.27
C ASN D 53 -13.59 11.87 -11.54
N GLY D 54 -13.62 10.76 -10.82
CA GLY D 54 -14.62 9.70 -11.04
C GLY D 54 -14.30 8.74 -12.19
N GLY D 55 -13.28 9.07 -12.98
CA GLY D 55 -12.85 8.25 -14.11
C GLY D 55 -13.72 8.39 -15.34
N TYR D 56 -14.77 9.21 -15.25
CA TYR D 56 -15.80 9.33 -16.29
C TYR D 56 -15.27 9.81 -17.64
N LYS D 57 -14.36 10.77 -17.62
CA LYS D 57 -13.82 11.37 -18.85
C LYS D 57 -12.30 11.25 -18.97
N THR D 58 -11.83 10.90 -20.16
CA THR D 58 -10.40 10.80 -20.45
C THR D 58 -10.06 11.66 -21.66
N TYR D 59 -9.02 12.49 -21.54
CA TYR D 59 -8.61 13.39 -22.62
C TYR D 59 -7.11 13.33 -22.92
N TYR D 60 -6.77 13.59 -24.18
CA TYR D 60 -5.38 13.59 -24.66
C TYR D 60 -5.14 14.76 -25.64
N PRO D 61 -3.89 15.24 -25.74
CA PRO D 61 -3.56 16.26 -26.75
C PRO D 61 -3.41 15.67 -28.15
N ASP D 62 -3.47 16.54 -29.17
CA ASP D 62 -3.46 16.11 -30.58
C ASP D 62 -2.17 15.42 -31.03
N THR D 63 -1.05 15.80 -30.44
CA THR D 63 0.23 15.15 -30.74
C THR D 63 0.29 13.72 -30.21
N VAL D 64 -0.66 13.37 -29.35
CA VAL D 64 -0.61 12.12 -28.60
C VAL D 64 -1.85 11.23 -28.80
N LYS D 65 -2.91 11.81 -29.37
CA LYS D 65 -4.13 11.08 -29.73
C LYS D 65 -3.88 9.97 -30.75
N GLY D 66 -4.49 8.81 -30.50
CA GLY D 66 -4.40 7.68 -31.41
C GLY D 66 -3.24 6.74 -31.11
N ARG D 67 -2.47 7.04 -30.08
CA ARG D 67 -1.33 6.20 -29.71
C ARG D 67 -1.01 6.12 -28.21
N PHE D 68 -1.75 6.91 -27.42
CA PHE D 68 -1.66 6.84 -25.96
C PHE D 68 -3.04 6.50 -25.38
N THR D 69 -3.05 5.64 -24.37
CA THR D 69 -4.30 5.29 -23.71
C THR D 69 -4.10 5.24 -22.20
N ILE D 70 -4.94 5.97 -21.48
CA ILE D 70 -4.86 6.01 -20.03
C ILE D 70 -5.77 4.95 -19.39
N SER D 71 -5.15 4.01 -18.69
CA SER D 71 -5.87 2.94 -17.98
C SER D 71 -6.02 3.30 -16.50
N ARG D 72 -6.75 2.46 -15.77
CA ARG D 72 -7.05 2.70 -14.36
C ARG D 72 -7.31 1.37 -13.64
N ASP D 73 -7.17 1.39 -12.31
CA ASP D 73 -7.53 0.25 -11.47
C ASP D 73 -7.98 0.75 -10.10
N ASN D 74 -9.28 0.68 -9.85
CA ASN D 74 -9.87 1.10 -8.58
C ASN D 74 -9.54 0.16 -7.44
N ALA D 75 -9.12 -1.05 -7.78
CA ALA D 75 -8.70 -2.05 -6.81
C ALA D 75 -7.38 -1.67 -6.13
N LYS D 76 -6.35 -1.41 -6.94
CA LYS D 76 -5.01 -1.16 -6.43
C LYS D 76 -4.66 0.33 -6.34
N ASN D 77 -5.55 1.19 -6.86
CA ASN D 77 -5.31 2.63 -6.95
C ASN D 77 -4.18 3.03 -7.90
N ILE D 78 -3.94 2.19 -8.91
CA ILE D 78 -2.85 2.43 -9.87
C ILE D 78 -3.40 3.05 -11.16
N LEU D 79 -2.62 3.98 -11.74
CA LEU D 79 -2.95 4.60 -13.01
C LEU D 79 -1.91 4.22 -14.05
N TYR D 80 -2.37 3.87 -15.26
CA TYR D 80 -1.49 3.43 -16.33
C TYR D 80 -1.52 4.36 -17.53
N LEU D 81 -0.40 4.40 -18.25
CA LEU D 81 -0.35 5.01 -19.56
C LEU D 81 0.25 4.02 -20.54
N GLN D 82 -0.58 3.56 -21.48
CA GLN D 82 -0.12 2.68 -22.54
C GLN D 82 0.17 3.52 -23.77
N MET D 83 1.45 3.62 -24.10
CA MET D 83 1.88 4.37 -25.27
C MET D 83 2.50 3.47 -26.32
N SER D 84 2.19 3.73 -27.59
CA SER D 84 2.68 2.95 -28.71
C SER D 84 3.08 3.88 -29.86
N ARG D 85 3.65 3.31 -30.93
CA ARG D 85 4.16 4.08 -32.07
C ARG D 85 5.07 5.23 -31.62
N LEU D 86 5.98 4.90 -30.71
CA LEU D 86 6.79 5.90 -30.00
C LEU D 86 7.77 6.67 -30.90
N LYS D 87 7.64 8.00 -30.87
CA LYS D 87 8.48 8.90 -31.66
C LYS D 87 9.64 9.45 -30.82
N SER D 88 10.57 10.11 -31.50
CA SER D 88 11.72 10.76 -30.86
C SER D 88 11.26 11.85 -29.88
N GLU D 89 10.10 12.43 -30.19
CA GLU D 89 9.52 13.51 -29.40
C GLU D 89 8.88 13.02 -28.08
N ASP D 90 8.79 11.69 -27.92
CA ASP D 90 8.20 11.08 -26.73
C ASP D 90 9.21 10.87 -25.60
N THR D 91 10.48 11.13 -25.90
CA THR D 91 11.57 10.97 -24.93
C THR D 91 11.42 11.98 -23.80
N GLY D 92 11.70 11.54 -22.58
CA GLY D 92 11.68 12.43 -21.42
C GLY D 92 11.25 11.77 -20.13
N ILE D 93 11.29 12.56 -19.04
CA ILE D 93 10.87 12.07 -17.72
C ILE D 93 9.36 12.24 -17.55
N TYR D 94 8.69 11.13 -17.21
CA TYR D 94 7.24 11.09 -17.12
C TYR D 94 6.71 11.14 -15.69
N TYR D 95 5.88 12.15 -15.42
CA TYR D 95 5.26 12.35 -14.11
C TYR D 95 3.75 12.15 -14.19
N CYS D 96 3.18 11.61 -13.12
CA CYS D 96 1.74 11.72 -12.88
C CYS D 96 1.51 12.78 -11.81
N ALA D 97 0.53 13.65 -12.05
CA ALA D 97 0.29 14.77 -11.16
C ALA D 97 -1.17 14.86 -10.71
N ARG D 98 -1.35 14.99 -9.40
CA ARG D 98 -2.68 15.20 -8.81
C ARG D 98 -2.87 16.70 -8.60
N GLY D 99 -3.06 17.42 -9.70
CA GLY D 99 -3.02 18.88 -9.70
C GLY D 99 -1.57 19.32 -9.65
N MET D 100 -1.34 20.62 -9.79
CA MET D 100 0.03 21.17 -9.75
C MET D 100 0.60 21.13 -8.33
N ASP D 101 -0.23 20.74 -7.38
CA ASP D 101 0.12 20.61 -5.97
C ASP D 101 1.04 19.41 -5.71
N TYR D 102 0.67 18.24 -6.25
CA TYR D 102 1.38 17.00 -5.97
C TYR D 102 1.88 16.31 -7.24
N TRP D 103 3.20 16.18 -7.35
CA TRP D 103 3.84 15.51 -8.48
C TRP D 103 4.46 14.20 -8.00
N GLY D 104 4.53 13.23 -8.90
CA GLY D 104 5.28 12.00 -8.63
C GLY D 104 6.77 12.27 -8.61
N GLN D 105 7.58 11.24 -8.80
CA GLN D 105 9.02 11.42 -8.84
C GLN D 105 9.60 11.26 -10.25
N GLY D 106 8.78 10.73 -11.16
CA GLY D 106 9.14 10.62 -12.57
C GLY D 106 9.78 9.30 -12.94
N THR D 107 9.50 8.85 -14.16
CA THR D 107 10.12 7.65 -14.70
C THR D 107 10.61 7.92 -16.12
N SER D 108 11.88 7.64 -16.35
CA SER D 108 12.55 8.05 -17.58
C SER D 108 12.23 7.13 -18.76
N VAL D 109 11.97 7.74 -19.91
CA VAL D 109 11.67 6.99 -21.13
C VAL D 109 12.56 7.52 -22.26
N THR D 110 13.30 6.62 -22.90
CA THR D 110 14.17 6.98 -24.02
C THR D 110 13.74 6.24 -25.30
N VAL D 111 13.42 7.01 -26.34
CA VAL D 111 13.02 6.44 -27.62
C VAL D 111 14.19 6.49 -28.61
N SER D 112 15.06 5.49 -28.53
CA SER D 112 16.24 5.41 -29.40
C SER D 112 16.50 4.01 -29.94
N SER D 113 16.88 3.93 -31.21
CA SER D 113 17.19 2.65 -31.85
C SER D 113 18.60 2.15 -31.50
N ALA D 114 19.39 3.03 -30.87
CA ALA D 114 20.69 2.65 -30.32
C ALA D 114 20.50 1.64 -29.21
N LYS D 115 21.28 0.56 -29.24
CA LYS D 115 21.06 -0.56 -28.33
C LYS D 115 21.66 -0.36 -26.95
N THR D 116 21.12 -1.07 -25.97
CA THR D 116 21.60 -1.05 -24.58
C THR D 116 23.05 -1.55 -24.50
N THR D 117 23.92 -0.72 -23.92
CA THR D 117 25.33 -1.06 -23.76
C THR D 117 25.73 -1.00 -22.27
N ALA D 118 26.46 -2.01 -21.82
CA ALA D 118 26.95 -2.06 -20.45
C ALA D 118 28.10 -1.05 -20.25
N PRO D 119 28.03 -0.25 -19.17
CA PRO D 119 29.05 0.77 -18.88
C PRO D 119 30.38 0.18 -18.44
N SER D 120 31.45 0.98 -18.59
CA SER D 120 32.77 0.60 -18.14
C SER D 120 33.17 1.46 -16.95
N VAL D 121 33.60 0.81 -15.86
CA VAL D 121 33.89 1.50 -14.60
C VAL D 121 35.39 1.52 -14.29
N TYR D 122 35.93 2.72 -14.11
CA TYR D 122 37.36 2.89 -13.89
C TYR D 122 37.64 3.77 -12.67
N PRO D 123 38.53 3.30 -11.77
CA PRO D 123 38.93 4.04 -10.57
C PRO D 123 39.99 5.09 -10.85
N LEU D 124 39.91 6.23 -10.15
CA LEU D 124 40.86 7.33 -10.34
C LEU D 124 41.65 7.67 -9.08
N ALA D 125 42.93 7.31 -9.08
CA ALA D 125 43.85 7.58 -7.98
C ALA D 125 44.93 8.58 -8.40
N PRO D 126 45.41 9.43 -7.46
CA PRO D 126 46.43 10.46 -7.74
C PRO D 126 47.76 9.91 -8.26
N VAL D 127 48.56 10.79 -8.87
CA VAL D 127 49.82 10.41 -9.49
C VAL D 127 50.89 10.05 -8.45
N CYS D 128 50.89 8.77 -8.04
CA CYS D 128 51.84 8.23 -7.06
C CYS D 128 51.87 8.98 -5.72
N THR D 132 50.98 15.20 -1.22
CA THR D 132 51.16 16.64 -1.04
C THR D 132 49.84 17.32 -0.69
N GLY D 133 49.83 18.05 0.43
CA GLY D 133 48.64 18.76 0.89
C GLY D 133 47.82 17.98 1.91
N SER D 134 46.76 18.61 2.40
CA SER D 134 45.86 17.97 3.36
C SER D 134 44.50 17.58 2.75
N SER D 135 44.36 17.78 1.45
CA SER D 135 43.12 17.46 0.73
C SER D 135 43.35 16.56 -0.50
N VAL D 136 42.97 15.30 -0.36
CA VAL D 136 43.09 14.32 -1.45
C VAL D 136 41.77 14.25 -2.23
N THR D 137 41.88 14.39 -3.55
CA THR D 137 40.73 14.25 -4.45
C THR D 137 40.81 12.93 -5.21
N LEU D 138 39.73 12.16 -5.17
CA LEU D 138 39.61 10.90 -5.90
C LEU D 138 38.45 10.98 -6.89
N GLY D 139 38.46 10.09 -7.88
CA GLY D 139 37.45 10.10 -8.92
C GLY D 139 37.00 8.73 -9.38
N CYS D 140 35.98 8.72 -10.25
CA CYS D 140 35.39 7.51 -10.78
C CYS D 140 34.90 7.80 -12.19
N LEU D 141 35.26 6.95 -13.14
CA LEU D 141 34.86 7.14 -14.54
C LEU D 141 33.93 6.05 -15.04
N VAL D 142 32.76 6.46 -15.54
CA VAL D 142 31.78 5.56 -16.15
C VAL D 142 31.72 5.87 -17.64
N LYS D 143 32.08 4.88 -18.46
CA LYS D 143 32.26 5.09 -19.90
C LYS D 143 31.50 4.09 -20.77
N GLY D 144 30.98 4.59 -21.89
CA GLY D 144 30.36 3.76 -22.92
C GLY D 144 29.14 2.97 -22.49
N TYR D 145 28.03 3.66 -22.31
CA TYR D 145 26.78 3.02 -21.92
C TYR D 145 25.54 3.64 -22.56
N PHE D 146 24.47 2.85 -22.66
CA PHE D 146 23.18 3.30 -23.13
C PHE D 146 22.08 2.48 -22.45
N PRO D 147 20.99 3.14 -22.01
CA PRO D 147 20.82 4.58 -21.99
C PRO D 147 21.04 5.16 -20.59
N GLU D 148 20.76 6.45 -20.42
CA GLU D 148 20.76 7.07 -19.10
C GLU D 148 19.44 6.69 -18.42
N PRO D 149 19.38 6.73 -17.08
CA PRO D 149 20.35 7.23 -16.11
C PRO D 149 21.24 6.16 -15.46
N VAL D 150 22.17 6.62 -14.63
CA VAL D 150 23.05 5.77 -13.84
C VAL D 150 23.13 6.31 -12.41
N THR D 151 22.98 5.42 -11.43
CA THR D 151 23.13 5.78 -10.02
C THR D 151 24.60 5.66 -9.62
N LEU D 152 25.10 6.66 -8.91
CA LEU D 152 26.48 6.64 -8.41
C LEU D 152 26.56 7.19 -6.98
N THR D 153 27.12 6.40 -6.08
CA THR D 153 27.34 6.80 -4.68
C THR D 153 28.76 6.42 -4.23
N TRP D 154 29.16 6.93 -3.06
CA TRP D 154 30.47 6.62 -2.49
C TRP D 154 30.34 5.90 -1.16
N ASN D 155 31.11 4.82 -1.01
CA ASN D 155 31.04 3.94 0.17
C ASN D 155 29.60 3.51 0.48
N SER D 156 28.93 3.00 -0.56
CA SER D 156 27.50 2.63 -0.53
C SER D 156 26.55 3.72 -0.02
N GLY D 157 27.02 4.97 -0.03
CA GLY D 157 26.20 6.12 0.36
C GLY D 157 26.73 6.86 1.57
N SER D 158 27.65 6.24 2.31
CA SER D 158 28.21 6.79 3.55
C SER D 158 28.85 8.17 3.37
N LEU D 159 29.65 8.30 2.31
CA LEU D 159 30.28 9.55 1.95
C LEU D 159 29.49 10.24 0.84
N SER D 160 28.97 11.43 1.13
CA SER D 160 28.17 12.18 0.16
C SER D 160 28.41 13.68 0.23
N SER D 161 29.31 14.10 1.12
CA SER D 161 29.71 15.49 1.22
C SER D 161 31.02 15.73 0.48
N GLY D 162 31.11 16.86 -0.21
CA GLY D 162 32.27 17.17 -1.04
C GLY D 162 32.40 16.24 -2.24
N VAL D 163 31.26 15.83 -2.79
CA VAL D 163 31.22 14.98 -3.97
C VAL D 163 30.54 15.66 -5.16
N HIS D 164 31.24 15.67 -6.29
CA HIS D 164 30.73 16.25 -7.51
C HIS D 164 30.49 15.16 -8.55
N THR D 165 29.24 14.72 -8.67
CA THR D 165 28.84 13.77 -9.70
C THR D 165 28.50 14.56 -10.95
N PHE D 166 29.31 14.38 -11.99
CA PHE D 166 29.18 15.16 -13.21
C PHE D 166 28.17 14.54 -14.15
N PRO D 167 27.23 15.37 -14.67
CA PRO D 167 26.20 14.91 -15.61
C PRO D 167 26.79 14.25 -16.85
N ALA D 168 26.13 13.17 -17.30
CA ALA D 168 26.57 12.40 -18.45
C ALA D 168 26.48 13.18 -19.76
N VAL D 169 27.40 12.88 -20.68
CA VAL D 169 27.40 13.47 -22.03
C VAL D 169 27.45 12.37 -23.10
N LEU D 170 26.77 12.60 -24.22
CA LEU D 170 26.78 11.68 -25.36
C LEU D 170 27.88 12.02 -26.36
N GLN D 171 28.61 10.98 -26.79
CA GLN D 171 29.58 11.10 -27.89
C GLN D 171 29.05 10.44 -29.16
N SER D 172 28.89 9.12 -29.13
CA SER D 172 28.30 8.39 -30.24
C SER D 172 27.67 7.11 -29.72
N ASP D 173 26.33 7.12 -29.65
CA ASP D 173 25.54 6.01 -29.07
C ASP D 173 26.01 5.57 -27.68
N LEU D 174 26.91 6.36 -27.09
CA LEU D 174 27.50 6.04 -25.80
C LEU D 174 27.63 7.27 -24.90
N TYR D 175 27.33 7.07 -23.61
CA TYR D 175 27.42 8.12 -22.61
C TYR D 175 28.73 8.00 -21.81
N THR D 176 29.21 9.13 -21.30
CA THR D 176 30.36 9.16 -20.40
C THR D 176 30.02 9.94 -19.13
N LEU D 177 30.37 9.36 -17.99
CA LEU D 177 30.07 9.95 -16.68
C LEU D 177 31.26 9.85 -15.74
N SER D 178 31.46 10.91 -14.95
CA SER D 178 32.53 10.94 -13.96
C SER D 178 32.04 11.51 -12.62
N SER D 179 32.77 11.22 -11.54
CA SER D 179 32.42 11.70 -10.20
C SER D 179 33.64 11.95 -9.31
N SER D 180 33.69 13.15 -8.73
CA SER D 180 34.80 13.59 -7.88
C SER D 180 34.44 13.53 -6.39
N VAL D 181 35.44 13.29 -5.55
CA VAL D 181 35.25 13.24 -4.10
C VAL D 181 36.49 13.74 -3.36
N THR D 182 36.30 14.75 -2.50
CA THR D 182 37.40 15.34 -1.72
C THR D 182 37.32 14.96 -0.24
N VAL D 183 38.36 14.30 0.26
CA VAL D 183 38.49 13.96 1.67
C VAL D 183 39.80 14.53 2.22
N THR D 184 39.98 14.44 3.55
CA THR D 184 41.25 14.82 4.17
C THR D 184 42.31 13.74 3.94
N SER D 185 43.58 14.11 4.08
CA SER D 185 44.70 13.18 3.90
C SER D 185 44.70 12.03 4.91
N SER D 186 44.03 12.24 6.05
CA SER D 186 43.90 11.23 7.09
C SER D 186 42.97 10.09 6.68
N THR D 187 41.94 10.42 5.91
CA THR D 187 40.91 9.46 5.50
C THR D 187 41.42 8.42 4.51
N TRP D 188 42.20 8.87 3.52
CA TRP D 188 42.69 8.00 2.45
C TRP D 188 44.21 8.00 2.39
N PRO D 189 44.83 6.80 2.20
CA PRO D 189 44.17 5.51 1.97
C PRO D 189 43.84 4.70 3.22
N SER D 190 43.82 5.36 4.38
CA SER D 190 43.54 4.70 5.67
C SER D 190 42.20 3.95 5.67
N GLN D 191 41.18 4.59 5.09
CA GLN D 191 39.85 3.99 4.98
C GLN D 191 39.48 3.76 3.53
N SER D 192 39.12 2.51 3.20
CA SER D 192 38.85 2.09 1.84
C SER D 192 37.64 2.80 1.23
N ILE D 193 37.91 3.75 0.34
CA ILE D 193 36.87 4.50 -0.36
C ILE D 193 36.46 3.77 -1.64
N THR D 194 35.17 3.49 -1.77
CA THR D 194 34.64 2.71 -2.88
C THR D 194 33.62 3.50 -3.71
N CYS D 195 33.76 3.40 -5.03
CA CYS D 195 32.81 4.00 -5.96
C CYS D 195 31.70 2.99 -6.27
N ASN D 196 30.46 3.37 -5.97
CA ASN D 196 29.29 2.53 -6.24
C ASN D 196 28.52 3.06 -7.45
N VAL D 197 28.32 2.18 -8.43
CA VAL D 197 27.69 2.56 -9.69
C VAL D 197 26.76 1.46 -10.21
N ALA D 198 25.54 1.84 -10.56
CA ALA D 198 24.53 0.89 -11.04
C ALA D 198 23.82 1.36 -12.31
N HIS D 199 23.72 0.46 -13.28
CA HIS D 199 22.96 0.69 -14.52
C HIS D 199 21.70 -0.18 -14.46
N PRO D 200 20.52 0.46 -14.37
CA PRO D 200 19.26 -0.27 -14.20
C PRO D 200 18.79 -1.00 -15.47
N ALA D 201 19.00 -0.39 -16.64
CA ALA D 201 18.54 -0.93 -17.92
C ALA D 201 19.17 -2.26 -18.31
N SER D 202 20.45 -2.43 -17.98
CA SER D 202 21.18 -3.67 -18.29
C SER D 202 21.43 -4.52 -17.04
N SER D 203 20.74 -4.19 -15.96
CA SER D 203 20.81 -4.92 -14.68
C SER D 203 22.24 -5.05 -14.12
N THR D 204 23.05 -4.02 -14.36
CA THR D 204 24.45 -4.00 -13.92
C THR D 204 24.61 -3.16 -12.66
N LYS D 205 25.39 -3.68 -11.71
CA LYS D 205 25.70 -2.96 -10.47
C LYS D 205 27.03 -3.46 -9.90
N VAL D 206 28.10 -2.74 -10.23
CA VAL D 206 29.46 -3.11 -9.82
C VAL D 206 30.10 -2.03 -8.92
N ASP D 207 30.96 -2.47 -8.01
CA ASP D 207 31.70 -1.55 -7.14
C ASP D 207 33.20 -1.63 -7.39
N LYS D 208 33.90 -0.52 -7.22
CA LYS D 208 35.33 -0.43 -7.50
C LYS D 208 36.07 0.36 -6.41
N LYS D 209 37.00 -0.30 -5.73
CA LYS D 209 37.78 0.34 -4.67
C LYS D 209 38.93 1.17 -5.24
N ILE D 210 39.10 2.37 -4.73
CA ILE D 210 40.17 3.27 -5.17
C ILE D 210 41.48 2.89 -4.50
N GLU D 211 42.35 2.22 -5.27
CA GLU D 211 43.65 1.78 -4.77
C GLU D 211 44.77 2.73 -5.20
N PRO D 212 45.69 3.07 -4.28
CA PRO D 212 46.79 3.99 -4.56
C PRO D 212 47.79 3.50 -5.60
N ARG D 213 48.54 4.43 -6.18
CA ARG D 213 49.56 4.13 -7.18
C ARG D 213 50.94 4.02 -6.54
N ASP E 1 -32.55 -8.72 17.09
CA ASP E 1 -31.77 -9.53 16.11
C ASP E 1 -32.46 -10.86 15.81
N VAL E 2 -32.16 -11.44 14.65
CA VAL E 2 -32.75 -12.69 14.19
C VAL E 2 -32.01 -13.90 14.77
N VAL E 3 -32.75 -14.73 15.50
CA VAL E 3 -32.19 -15.87 16.22
C VAL E 3 -31.99 -17.09 15.32
N MET E 4 -30.75 -17.59 15.27
CA MET E 4 -30.39 -18.72 14.42
C MET E 4 -29.96 -19.94 15.24
N THR E 5 -30.72 -21.02 15.12
CA THR E 5 -30.45 -22.24 15.86
C THR E 5 -29.92 -23.36 14.95
N GLN E 6 -28.70 -23.80 15.23
CA GLN E 6 -28.10 -24.94 14.56
C GLN E 6 -28.27 -26.22 15.38
N THR E 7 -28.32 -27.35 14.67
CA THR E 7 -28.43 -28.66 15.31
C THR E 7 -27.78 -29.74 14.43
N PRO E 8 -26.92 -30.59 15.01
CA PRO E 8 -26.50 -30.62 16.41
C PRO E 8 -25.29 -29.75 16.69
N LEU E 9 -24.86 -29.73 17.95
CA LEU E 9 -23.68 -28.96 18.38
C LEU E 9 -22.39 -29.59 17.85
N THR E 10 -22.26 -30.91 18.00
CA THR E 10 -21.10 -31.64 17.49
C THR E 10 -21.55 -32.76 16.55
N LEU E 11 -20.77 -32.95 15.48
CA LEU E 11 -21.01 -34.02 14.52
C LEU E 11 -19.77 -34.89 14.43
N SER E 12 -19.93 -36.19 14.66
CA SER E 12 -18.81 -37.12 14.59
C SER E 12 -19.07 -38.19 13.52
N VAL E 13 -18.41 -38.03 12.38
CA VAL E 13 -18.68 -38.85 11.19
C VAL E 13 -17.42 -39.51 10.63
N THR E 14 -17.52 -40.78 10.29
CA THR E 14 -16.42 -41.52 9.64
C THR E 14 -16.13 -40.96 8.25
N ILE E 15 -14.88 -40.98 7.83
CA ILE E 15 -14.51 -40.59 6.47
C ILE E 15 -15.32 -41.44 5.49
N GLY E 16 -15.80 -40.80 4.42
CA GLY E 16 -16.50 -41.51 3.36
C GLY E 16 -17.98 -41.68 3.60
N GLN E 17 -18.51 -40.98 4.61
CA GLN E 17 -19.92 -41.09 4.97
C GLN E 17 -20.68 -39.78 4.70
N PRO E 18 -22.01 -39.88 4.51
CA PRO E 18 -22.83 -38.67 4.41
C PRO E 18 -23.10 -38.03 5.77
N ALA E 19 -23.09 -36.70 5.83
CA ALA E 19 -23.37 -35.94 7.05
C ALA E 19 -24.32 -34.78 6.75
N SER E 20 -25.02 -34.29 7.77
CA SER E 20 -25.87 -33.09 7.61
C SER E 20 -26.11 -32.25 8.87
N ILE E 21 -26.23 -30.94 8.68
CA ILE E 21 -26.48 -29.97 9.74
C ILE E 21 -27.75 -29.18 9.42
N SER E 22 -28.58 -28.93 10.43
CA SER E 22 -29.78 -28.12 10.23
C SER E 22 -29.61 -26.71 10.78
N CYS E 23 -30.36 -25.78 10.22
CA CYS E 23 -30.30 -24.39 10.63
C CYS E 23 -31.70 -23.76 10.58
N LYS E 24 -32.16 -23.23 11.72
CA LYS E 24 -33.50 -22.67 11.83
C LYS E 24 -33.47 -21.22 12.30
N SER E 25 -34.15 -20.35 11.55
CA SER E 25 -34.28 -18.95 11.92
C SER E 25 -35.62 -18.72 12.58
N SER E 26 -35.69 -17.66 13.40
CA SER E 26 -36.92 -17.30 14.11
C SER E 26 -37.92 -16.62 13.19
N GLN E 27 -37.55 -16.46 11.92
CA GLN E 27 -38.23 -15.56 11.00
C GLN E 27 -37.83 -15.94 9.58
N SER E 28 -38.75 -15.77 8.63
CA SER E 28 -38.46 -16.07 7.24
C SER E 28 -37.23 -15.30 6.80
N LEU E 29 -36.35 -15.96 6.06
CA LEU E 29 -35.17 -15.30 5.51
C LEU E 29 -35.37 -14.93 4.04
N LEU E 30 -36.63 -14.96 3.60
CA LEU E 30 -36.99 -14.57 2.24
C LEU E 30 -37.04 -13.05 2.15
N TYR E 31 -36.08 -12.49 1.43
CA TYR E 31 -36.01 -11.05 1.19
C TYR E 31 -37.02 -10.64 0.14
N SER E 32 -37.35 -9.35 0.11
CA SER E 32 -38.40 -8.83 -0.74
C SER E 32 -38.13 -8.99 -2.24
N ASN E 33 -36.89 -9.30 -2.60
CA ASN E 33 -36.48 -9.44 -4.01
C ASN E 33 -36.46 -10.88 -4.51
N GLY E 34 -37.06 -11.80 -3.74
CA GLY E 34 -37.16 -13.20 -4.13
C GLY E 34 -36.02 -14.08 -3.64
N LYS E 35 -34.89 -13.44 -3.31
CA LYS E 35 -33.70 -14.15 -2.87
C LYS E 35 -33.73 -14.39 -1.38
N THR E 36 -33.14 -15.51 -0.96
CA THR E 36 -33.02 -15.83 0.47
C THR E 36 -31.53 -15.88 0.84
N TYR E 37 -31.15 -15.02 1.77
CA TYR E 37 -29.74 -14.83 2.09
C TYR E 37 -29.27 -15.66 3.29
N LEU E 38 -29.11 -16.96 3.05
CA LEU E 38 -28.50 -17.85 4.03
C LEU E 38 -27.13 -18.32 3.56
N ASN E 39 -26.14 -18.20 4.43
CA ASN E 39 -24.77 -18.59 4.11
C ASN E 39 -24.25 -19.69 5.02
N TRP E 40 -23.36 -20.52 4.48
CA TRP E 40 -22.68 -21.54 5.29
C TRP E 40 -21.18 -21.28 5.32
N LEU E 41 -20.68 -20.89 6.49
CA LEU E 41 -19.24 -20.66 6.68
C LEU E 41 -18.57 -21.87 7.31
N LEU E 42 -17.32 -22.12 6.92
CA LEU E 42 -16.51 -23.17 7.54
C LEU E 42 -15.24 -22.59 8.11
N GLN E 43 -15.04 -22.77 9.41
CA GLN E 43 -13.84 -22.29 10.05
C GLN E 43 -12.96 -23.41 10.62
N ARG E 44 -11.79 -23.58 10.01
CA ARG E 44 -10.73 -24.41 10.57
C ARG E 44 -10.19 -23.76 11.83
N PRO E 45 -9.67 -24.57 12.77
CA PRO E 45 -9.03 -23.98 13.97
C PRO E 45 -7.73 -23.30 13.60
N GLY E 46 -7.51 -22.11 14.18
CA GLY E 46 -6.32 -21.30 13.89
C GLY E 46 -6.50 -20.39 12.69
N GLN E 47 -7.66 -20.46 12.05
CA GLN E 47 -7.93 -19.74 10.81
C GLN E 47 -9.16 -18.85 10.92
N SER E 48 -9.23 -17.86 10.03
CA SER E 48 -10.43 -17.05 9.87
C SER E 48 -11.51 -17.84 9.12
N PRO E 49 -12.78 -17.47 9.31
CA PRO E 49 -13.87 -18.22 8.67
C PRO E 49 -13.88 -18.04 7.16
N LYS E 50 -14.29 -19.07 6.43
CA LYS E 50 -14.39 -19.01 4.99
C LYS E 50 -15.78 -19.44 4.55
N ARG E 51 -16.31 -18.79 3.52
CA ARG E 51 -17.66 -19.07 3.04
C ARG E 51 -17.63 -20.18 2.01
N LEU E 52 -18.60 -21.09 2.10
CA LEU E 52 -18.70 -22.20 1.17
C LEU E 52 -19.93 -22.01 0.30
N ILE E 53 -21.05 -21.70 0.94
CA ILE E 53 -22.33 -21.62 0.26
C ILE E 53 -23.03 -20.29 0.55
N TYR E 54 -23.55 -19.67 -0.51
CA TYR E 54 -24.32 -18.44 -0.39
C TYR E 54 -25.66 -18.56 -1.10
N LEU E 55 -26.64 -17.78 -0.64
CA LEU E 55 -28.01 -17.79 -1.17
C LEU E 55 -28.60 -19.20 -1.18
N VAL E 56 -28.64 -19.79 0.02
CA VAL E 56 -29.18 -21.13 0.26
C VAL E 56 -28.38 -22.28 -0.36
N SER E 57 -28.15 -22.23 -1.68
CA SER E 57 -27.62 -23.40 -2.40
C SER E 57 -26.39 -23.18 -3.28
N LYS E 58 -26.06 -21.93 -3.61
CA LYS E 58 -24.94 -21.65 -4.51
C LYS E 58 -23.58 -21.82 -3.84
N LEU E 59 -22.72 -22.61 -4.47
CA LEU E 59 -21.37 -22.88 -3.97
C LEU E 59 -20.36 -21.83 -4.41
N ASP E 60 -19.46 -21.46 -3.51
CA ASP E 60 -18.31 -20.61 -3.84
C ASP E 60 -17.33 -21.37 -4.74
N SER E 61 -16.46 -20.62 -5.41
CA SER E 61 -15.44 -21.21 -6.28
C SER E 61 -14.49 -22.08 -5.48
N GLY E 62 -14.08 -23.20 -6.09
CA GLY E 62 -13.19 -24.17 -5.43
C GLY E 62 -13.95 -25.26 -4.70
N VAL E 63 -14.96 -24.85 -3.92
CA VAL E 63 -15.78 -25.75 -3.11
C VAL E 63 -16.24 -26.99 -3.89
N PRO E 64 -15.97 -28.20 -3.36
CA PRO E 64 -16.39 -29.47 -3.97
C PRO E 64 -17.91 -29.60 -4.08
N ASP E 65 -18.37 -30.43 -5.02
CA ASP E 65 -19.79 -30.64 -5.27
C ASP E 65 -20.48 -31.47 -4.18
N ARG E 66 -19.70 -31.89 -3.19
CA ARG E 66 -20.18 -32.71 -2.07
C ARG E 66 -21.10 -31.92 -1.16
N PHE E 67 -20.76 -30.65 -0.96
CA PHE E 67 -21.54 -29.73 -0.14
C PHE E 67 -22.79 -29.23 -0.91
N THR E 68 -23.95 -29.34 -0.27
CA THR E 68 -25.23 -28.99 -0.88
C THR E 68 -26.11 -28.27 0.13
N GLY E 69 -26.49 -27.04 -0.19
CA GLY E 69 -27.39 -26.27 0.68
C GLY E 69 -28.84 -26.37 0.26
N SER E 70 -29.75 -26.31 1.22
CA SER E 70 -31.19 -26.43 0.95
C SER E 70 -32.01 -25.60 1.93
N GLY E 71 -33.32 -25.55 1.68
CA GLY E 71 -34.24 -24.84 2.57
C GLY E 71 -34.87 -23.63 1.90
N SER E 72 -35.93 -23.11 2.53
CA SER E 72 -36.66 -21.99 1.95
C SER E 72 -36.99 -20.84 2.91
N GLY E 73 -37.77 -21.11 3.95
CA GLY E 73 -38.25 -20.03 4.81
C GLY E 73 -37.43 -19.84 6.08
N THR E 74 -37.65 -20.75 7.01
CA THR E 74 -37.03 -20.72 8.33
C THR E 74 -36.26 -22.01 8.59
N ASP E 75 -36.25 -22.91 7.60
CA ASP E 75 -35.65 -24.24 7.75
C ASP E 75 -34.64 -24.56 6.67
N PHE E 76 -33.39 -24.75 7.09
CA PHE E 76 -32.27 -24.89 6.16
C PHE E 76 -31.37 -26.07 6.52
N THR E 77 -30.73 -26.63 5.50
CA THR E 77 -29.92 -27.84 5.68
C THR E 77 -28.64 -27.81 4.84
N LEU E 78 -27.52 -28.11 5.47
CA LEU E 78 -26.24 -28.32 4.77
C LEU E 78 -25.90 -29.80 4.77
N LYS E 79 -25.76 -30.38 3.59
CA LYS E 79 -25.43 -31.80 3.44
C LYS E 79 -24.02 -32.00 2.91
N ILE E 80 -23.27 -32.89 3.56
CA ILE E 80 -22.01 -33.37 3.02
C ILE E 80 -22.24 -34.81 2.61
N SER E 81 -22.16 -35.08 1.31
CA SER E 81 -22.48 -36.40 0.77
C SER E 81 -21.42 -37.45 1.07
N ARG E 82 -20.16 -37.02 1.17
CA ARG E 82 -19.06 -37.90 1.53
C ARG E 82 -18.01 -37.10 2.26
N VAL E 83 -17.93 -37.30 3.57
CA VAL E 83 -16.97 -36.58 4.42
C VAL E 83 -15.52 -36.93 4.06
N GLU E 84 -14.70 -35.90 3.90
CA GLU E 84 -13.26 -36.06 3.67
C GLU E 84 -12.47 -35.37 4.76
N ALA E 85 -11.23 -35.82 4.96
CA ALA E 85 -10.39 -35.37 6.08
C ALA E 85 -10.35 -33.87 6.31
N GLU E 86 -10.38 -33.11 5.21
CA GLU E 86 -10.16 -31.65 5.25
C GLU E 86 -11.39 -30.82 5.67
N ASP E 87 -12.52 -31.49 5.89
CA ASP E 87 -13.78 -30.83 6.21
C ASP E 87 -13.95 -30.45 7.68
N LEU E 88 -12.94 -30.79 8.50
CA LEU E 88 -13.00 -30.56 9.94
C LEU E 88 -13.10 -29.09 10.32
N GLY E 89 -13.77 -28.82 11.44
CA GLY E 89 -13.90 -27.46 11.97
C GLY E 89 -15.30 -27.17 12.45
N ILE E 90 -15.59 -25.89 12.65
CA ILE E 90 -16.93 -25.46 13.07
C ILE E 90 -17.66 -24.82 11.90
N TYR E 91 -18.84 -25.38 11.60
CA TYR E 91 -19.70 -24.86 10.55
C TYR E 91 -20.73 -23.93 11.16
N TYR E 92 -20.86 -22.75 10.58
CA TYR E 92 -21.89 -21.80 10.99
C TYR E 92 -22.86 -21.55 9.86
N CYS E 93 -24.13 -21.38 10.20
CA CYS E 93 -25.04 -20.71 9.30
C CYS E 93 -25.17 -19.25 9.75
N VAL E 94 -25.25 -18.34 8.79
CA VAL E 94 -25.37 -16.92 9.09
C VAL E 94 -26.35 -16.29 8.11
N GLN E 95 -27.28 -15.48 8.64
CA GLN E 95 -28.31 -14.87 7.81
C GLN E 95 -27.99 -13.44 7.39
N GLY E 96 -28.14 -13.18 6.10
CA GLY E 96 -27.88 -11.86 5.51
C GLY E 96 -29.10 -11.02 5.19
N THR E 97 -30.28 -11.64 5.20
CA THR E 97 -31.55 -11.02 4.84
C THR E 97 -31.95 -9.87 5.77
N HIS E 98 -31.75 -10.06 7.08
CA HIS E 98 -32.13 -9.07 8.07
C HIS E 98 -30.93 -8.51 8.78
N PHE E 99 -30.85 -7.19 8.85
CA PHE E 99 -29.78 -6.52 9.57
C PHE E 99 -30.03 -6.61 11.07
N PRO E 100 -29.01 -7.05 11.84
CA PRO E 100 -27.65 -7.37 11.40
C PRO E 100 -27.43 -8.83 11.03
N TYR E 101 -26.25 -9.15 10.48
CA TYR E 101 -25.81 -10.53 10.33
C TYR E 101 -25.90 -11.21 11.69
N THR E 102 -26.58 -12.35 11.75
CA THR E 102 -26.59 -13.17 12.96
C THR E 102 -26.23 -14.61 12.65
N PHE E 103 -25.54 -15.26 13.58
CA PHE E 103 -24.94 -16.57 13.36
C PHE E 103 -25.63 -17.65 14.18
N GLY E 104 -25.53 -18.89 13.72
CA GLY E 104 -25.96 -20.05 14.50
C GLY E 104 -24.95 -20.34 15.59
N GLY E 105 -25.26 -21.34 16.42
CA GLY E 105 -24.36 -21.72 17.52
C GLY E 105 -23.07 -22.37 17.08
N GLY E 106 -23.04 -22.88 15.85
CA GLY E 106 -21.88 -23.60 15.36
C GLY E 106 -22.06 -25.09 15.48
N THR E 107 -21.43 -25.83 14.56
CA THR E 107 -21.52 -27.28 14.53
C THR E 107 -20.15 -27.85 14.23
N LYS E 108 -19.48 -28.39 15.25
CA LYS E 108 -18.13 -28.91 15.08
C LYS E 108 -18.10 -30.26 14.39
N LEU E 109 -17.34 -30.36 13.30
CA LEU E 109 -17.19 -31.61 12.59
C LEU E 109 -15.93 -32.34 13.05
N GLU E 110 -16.14 -33.40 13.83
CA GLU E 110 -15.07 -34.28 14.24
C GLU E 110 -15.08 -35.50 13.32
N ILE E 111 -13.96 -35.68 12.61
CA ILE E 111 -13.79 -36.77 11.66
C ILE E 111 -13.54 -38.08 12.42
N LYS E 112 -14.21 -39.15 11.98
CA LYS E 112 -13.91 -40.50 12.47
C LYS E 112 -13.05 -41.24 11.45
N ARG E 113 -12.19 -42.10 11.96
CA ARG E 113 -11.05 -42.61 11.20
C ARG E 113 -10.76 -44.06 11.62
N ALA E 114 -9.79 -44.69 10.95
CA ALA E 114 -9.29 -45.98 11.41
C ALA E 114 -8.38 -45.72 12.61
N ASP E 115 -8.24 -46.71 13.48
CA ASP E 115 -7.40 -46.59 14.67
C ASP E 115 -5.91 -46.44 14.32
N ALA E 116 -5.20 -45.68 15.16
CA ALA E 116 -3.76 -45.53 15.07
C ALA E 116 -3.17 -45.39 16.47
N ALA E 117 -2.03 -46.05 16.70
CA ALA E 117 -1.35 -46.04 17.99
C ALA E 117 -0.44 -44.81 18.13
N PRO E 118 -0.37 -44.23 19.32
CA PRO E 118 0.51 -43.07 19.51
C PRO E 118 2.00 -43.43 19.51
N THR E 119 2.80 -42.63 18.82
CA THR E 119 4.26 -42.64 18.99
C THR E 119 4.57 -41.83 20.23
N VAL E 120 4.94 -42.52 21.30
CA VAL E 120 5.18 -41.90 22.60
C VAL E 120 6.65 -41.53 22.79
N SER E 121 6.88 -40.40 23.45
CA SER E 121 8.18 -39.75 23.47
C SER E 121 8.35 -38.97 24.77
N ILE E 122 9.35 -39.34 25.57
CA ILE E 122 9.52 -38.73 26.90
C ILE E 122 10.77 -37.82 26.99
N PHE E 123 10.70 -36.78 27.83
CA PHE E 123 11.74 -35.76 27.88
C PHE E 123 12.08 -35.29 29.30
N PRO E 124 13.34 -35.52 29.72
CA PRO E 124 13.80 -35.05 31.03
C PRO E 124 13.92 -33.53 31.05
N PRO E 125 13.79 -32.91 32.24
CA PRO E 125 13.94 -31.46 32.37
C PRO E 125 15.23 -30.93 31.74
N SER E 126 15.19 -29.70 31.25
CA SER E 126 16.35 -29.07 30.66
C SER E 126 17.32 -28.63 31.75
N SER E 127 18.59 -28.48 31.38
CA SER E 127 19.60 -27.97 32.31
C SER E 127 19.24 -26.56 32.78
N GLU E 128 18.66 -25.76 31.88
CA GLU E 128 18.27 -24.38 32.19
C GLU E 128 17.13 -24.28 33.19
N GLN E 129 16.19 -25.23 33.14
CA GLN E 129 15.04 -25.20 34.04
C GLN E 129 15.41 -25.55 35.47
N LEU E 130 16.34 -26.49 35.61
CA LEU E 130 16.86 -26.89 36.91
C LEU E 130 17.57 -25.70 37.58
N THR E 131 18.29 -24.93 36.78
CA THR E 131 18.89 -23.66 37.21
C THR E 131 17.91 -22.85 38.07
N SER E 132 16.67 -22.70 37.59
CA SER E 132 15.66 -21.90 38.27
C SER E 132 15.03 -22.60 39.49
N GLY E 133 15.37 -23.86 39.69
CA GLY E 133 14.93 -24.61 40.87
C GLY E 133 13.60 -25.32 40.72
N GLY E 134 13.18 -25.53 39.47
CA GLY E 134 11.95 -26.25 39.17
C GLY E 134 12.20 -27.20 38.03
N ALA E 135 11.60 -28.38 38.11
CA ALA E 135 11.78 -29.40 37.08
C ALA E 135 10.46 -29.88 36.51
N SER E 136 10.40 -29.97 35.18
CA SER E 136 9.22 -30.54 34.52
C SER E 136 9.58 -31.57 33.45
N VAL E 137 8.85 -32.68 33.49
CA VAL E 137 9.03 -33.79 32.56
C VAL E 137 7.87 -33.75 31.56
N VAL E 138 8.20 -33.87 30.29
CA VAL E 138 7.21 -33.72 29.22
C VAL E 138 7.13 -35.00 28.38
N CYS E 139 5.91 -35.42 28.11
CA CYS E 139 5.66 -36.62 27.33
C CYS E 139 4.77 -36.31 26.12
N PHE E 140 5.28 -36.57 24.92
CA PHE E 140 4.52 -36.38 23.69
C PHE E 140 3.95 -37.69 23.18
N LEU E 141 2.67 -37.68 22.85
CA LEU E 141 2.00 -38.85 22.28
C LEU E 141 1.42 -38.43 20.94
N ASN E 142 2.04 -38.88 19.85
CA ASN E 142 1.76 -38.27 18.54
C ASN E 142 1.07 -39.12 17.49
N ASN E 143 0.08 -38.50 16.84
CA ASN E 143 -0.65 -39.07 15.71
C ASN E 143 -1.41 -40.35 15.99
N PHE E 144 -2.34 -40.28 16.94
CA PHE E 144 -3.17 -41.43 17.29
C PHE E 144 -4.65 -41.17 17.02
N TYR E 145 -5.42 -42.26 16.94
CA TYR E 145 -6.88 -42.19 16.86
C TYR E 145 -7.47 -43.44 17.52
N PRO E 146 -8.54 -43.29 18.33
CA PRO E 146 -9.31 -42.08 18.65
C PRO E 146 -8.69 -41.18 19.71
N LYS E 147 -9.33 -40.03 19.94
CA LYS E 147 -8.82 -38.98 20.82
C LYS E 147 -8.63 -39.45 22.25
N ASP E 148 -9.57 -40.27 22.72
CA ASP E 148 -9.56 -40.81 24.08
C ASP E 148 -8.27 -41.56 24.37
N ILE E 149 -7.52 -41.06 25.34
CA ILE E 149 -6.27 -41.70 25.76
C ILE E 149 -6.01 -41.46 27.25
N ASN E 150 -5.65 -42.52 27.96
CA ASN E 150 -5.28 -42.40 29.36
C ASN E 150 -3.77 -42.30 29.56
N VAL E 151 -3.32 -41.22 30.19
CA VAL E 151 -1.91 -41.02 30.48
C VAL E 151 -1.66 -40.95 31.99
N LYS E 152 -0.87 -41.91 32.49
CA LYS E 152 -0.45 -41.92 33.88
C LYS E 152 1.04 -41.58 34.00
N TRP E 153 1.36 -40.77 35.00
CA TRP E 153 2.75 -40.52 35.35
C TRP E 153 3.13 -41.44 36.50
N LYS E 154 4.32 -42.04 36.42
CA LYS E 154 4.77 -42.94 37.47
C LYS E 154 6.19 -42.61 37.91
N ILE E 155 6.31 -42.21 39.17
CA ILE E 155 7.59 -41.87 39.78
C ILE E 155 7.97 -42.98 40.74
N ASP E 156 9.13 -43.59 40.48
CA ASP E 156 9.61 -44.77 41.22
C ASP E 156 8.48 -45.78 41.43
N GLY E 157 7.77 -46.09 40.36
CA GLY E 157 6.77 -47.16 40.39
C GLY E 157 5.34 -46.79 40.73
N SER E 158 5.13 -45.66 41.38
CA SER E 158 3.77 -45.27 41.80
C SER E 158 3.24 -43.99 41.14
N GLU E 159 1.92 -43.93 40.98
CA GLU E 159 1.27 -42.84 40.24
C GLU E 159 1.34 -41.50 40.94
N ARG E 160 1.72 -40.48 40.17
CA ARG E 160 1.71 -39.09 40.60
C ARG E 160 0.70 -38.29 39.76
N GLN E 161 -0.08 -37.43 40.41
CA GLN E 161 -1.11 -36.64 39.71
C GLN E 161 -0.99 -35.12 39.88
N ASN E 162 -0.22 -34.67 40.86
CA ASN E 162 -0.01 -33.24 41.11
C ASN E 162 0.88 -32.59 40.06
N GLY E 163 0.45 -31.42 39.59
CA GLY E 163 1.22 -30.65 38.60
C GLY E 163 1.23 -31.30 37.22
N VAL E 164 0.07 -31.83 36.81
CA VAL E 164 -0.07 -32.45 35.49
C VAL E 164 -0.84 -31.52 34.55
N LEU E 165 -0.19 -31.16 33.45
CA LEU E 165 -0.79 -30.30 32.44
C LEU E 165 -0.89 -31.05 31.12
N ASN E 166 -2.13 -31.26 30.67
CA ASN E 166 -2.41 -32.00 29.44
C ASN E 166 -2.96 -31.10 28.33
N SER E 167 -2.58 -31.40 27.10
CA SER E 167 -3.07 -30.67 25.93
C SER E 167 -3.24 -31.57 24.70
N TRP E 168 -4.44 -31.54 24.12
CA TRP E 168 -4.70 -32.21 22.87
C TRP E 168 -4.69 -31.19 21.74
N THR E 169 -4.05 -31.53 20.63
CA THR E 169 -4.11 -30.71 19.43
C THR E 169 -5.45 -30.94 18.75
N ASP E 170 -5.88 -29.95 17.96
CA ASP E 170 -7.07 -30.11 17.13
C ASP E 170 -6.78 -31.15 16.06
N GLN E 171 -7.79 -31.97 15.75
CA GLN E 171 -7.63 -33.04 14.76
C GLN E 171 -6.84 -32.56 13.53
N ASP E 172 -5.87 -33.37 13.10
CA ASP E 172 -5.06 -33.04 11.93
C ASP E 172 -5.92 -33.02 10.67
N SER E 173 -5.72 -32.00 9.84
CA SER E 173 -6.55 -31.80 8.65
C SER E 173 -6.27 -32.81 7.53
N LYS E 174 -5.08 -33.42 7.55
CA LYS E 174 -4.67 -34.36 6.50
C LYS E 174 -4.89 -35.82 6.88
N ASP E 175 -4.31 -36.26 8.00
CA ASP E 175 -4.40 -37.67 8.41
C ASP E 175 -5.43 -37.95 9.50
N SER E 176 -6.20 -36.92 9.86
CA SER E 176 -7.31 -37.03 10.82
C SER E 176 -6.98 -37.64 12.18
N THR E 177 -5.74 -37.42 12.64
CA THR E 177 -5.29 -37.93 13.93
C THR E 177 -5.25 -36.82 14.98
N TYR E 178 -5.22 -37.22 16.25
CA TYR E 178 -5.03 -36.30 17.35
C TYR E 178 -3.63 -36.48 17.92
N SER E 179 -3.16 -35.49 18.66
CA SER E 179 -1.87 -35.56 19.35
C SER E 179 -2.02 -34.97 20.74
N MET E 180 -1.29 -35.52 21.71
CA MET E 180 -1.39 -35.07 23.09
C MET E 180 -0.01 -34.78 23.70
N SER E 181 0.00 -33.91 24.72
CA SER E 181 1.22 -33.53 25.44
C SER E 181 0.97 -33.38 26.92
N SER E 182 1.56 -34.27 27.72
CA SER E 182 1.41 -34.25 29.17
C SER E 182 2.67 -33.70 29.82
N THR E 183 2.48 -32.85 30.83
CA THR E 183 3.58 -32.21 31.52
C THR E 183 3.46 -32.35 33.03
N LEU E 184 4.48 -32.97 33.64
CA LEU E 184 4.57 -33.11 35.09
C LEU E 184 5.62 -32.12 35.61
N THR E 185 5.19 -31.21 36.48
CA THR E 185 6.07 -30.16 37.00
C THR E 185 6.28 -30.26 38.51
N LEU E 186 7.55 -30.37 38.91
CA LEU E 186 7.93 -30.50 40.32
C LEU E 186 8.86 -29.37 40.74
N THR E 187 9.18 -29.34 42.03
CA THR E 187 10.28 -28.53 42.54
C THR E 187 11.58 -29.31 42.31
N LYS E 188 12.68 -28.60 42.10
CA LYS E 188 13.96 -29.26 41.78
C LYS E 188 14.31 -30.36 42.78
N ASP E 189 14.32 -30.01 44.06
CA ASP E 189 14.65 -30.94 45.14
C ASP E 189 13.78 -32.19 45.09
N GLU E 190 12.49 -31.99 44.84
CA GLU E 190 11.52 -33.09 44.75
C GLU E 190 11.83 -34.03 43.59
N TYR E 191 12.26 -33.46 42.47
CA TYR E 191 12.68 -34.25 41.32
C TYR E 191 13.97 -35.02 41.62
N GLU E 192 14.83 -34.44 42.45
CA GLU E 192 16.10 -35.06 42.82
C GLU E 192 15.96 -36.09 43.95
N ARG E 193 14.73 -36.36 44.36
CA ARG E 193 14.45 -37.38 45.38
C ARG E 193 14.21 -38.76 44.76
N HIS E 194 14.14 -38.82 43.43
CA HIS E 194 13.81 -40.05 42.73
C HIS E 194 14.63 -40.20 41.45
N ASN E 195 14.50 -41.35 40.78
CA ASN E 195 15.18 -41.54 39.50
C ASN E 195 14.35 -42.15 38.37
N SER E 196 13.35 -42.96 38.71
CA SER E 196 12.45 -43.55 37.71
C SER E 196 11.31 -42.61 37.33
N TYR E 197 11.26 -42.24 36.05
CA TYR E 197 10.23 -41.35 35.52
C TYR E 197 9.59 -41.93 34.27
N THR E 198 8.38 -42.44 34.45
CA THR E 198 7.69 -43.20 33.42
C THR E 198 6.42 -42.48 32.95
N CYS E 199 6.27 -42.38 31.64
CA CYS E 199 5.06 -41.91 31.02
C CYS E 199 4.29 -43.15 30.53
N GLU E 200 3.07 -43.32 31.02
CA GLU E 200 2.29 -44.51 30.69
C GLU E 200 0.99 -44.19 29.97
N ALA E 201 0.91 -44.62 28.71
CA ALA E 201 -0.26 -44.37 27.85
C ALA E 201 -1.06 -45.64 27.64
N THR E 202 -2.36 -45.56 27.94
CA THR E 202 -3.28 -46.67 27.69
C THR E 202 -4.29 -46.26 26.62
N HIS E 203 -4.09 -46.80 25.43
CA HIS E 203 -4.95 -46.52 24.28
C HIS E 203 -5.57 -47.83 23.80
N LYS E 204 -6.77 -47.75 23.22
CA LYS E 204 -7.47 -48.96 22.76
C LYS E 204 -6.73 -49.74 21.68
N THR E 205 -5.73 -49.11 21.05
CA THR E 205 -4.96 -49.72 19.97
C THR E 205 -4.14 -50.94 20.39
N SER E 206 -3.74 -50.97 21.67
CA SER E 206 -3.05 -52.12 22.22
C SER E 206 -3.57 -52.48 23.61
N THR E 207 -3.58 -53.78 23.90
CA THR E 207 -4.01 -54.28 25.20
C THR E 207 -3.01 -53.93 26.31
N SER E 208 -1.74 -53.76 25.93
CA SER E 208 -0.70 -53.35 26.86
C SER E 208 -0.57 -51.83 26.87
N PRO E 209 -0.18 -51.25 28.02
CA PRO E 209 0.06 -49.81 28.02
C PRO E 209 1.41 -49.49 27.37
N ILE E 210 1.45 -48.43 26.57
CA ILE E 210 2.72 -47.96 26.00
C ILE E 210 3.52 -47.27 27.10
N VAL E 211 4.62 -47.90 27.47
CA VAL E 211 5.49 -47.42 28.54
C VAL E 211 6.72 -46.75 27.94
N LYS E 212 6.89 -45.47 28.23
CA LYS E 212 8.12 -44.75 27.90
C LYS E 212 8.72 -44.14 29.17
N SER E 213 9.97 -44.50 29.44
CA SER E 213 10.58 -44.17 30.73
C SER E 213 12.04 -43.78 30.60
N PHE E 214 12.56 -43.11 31.63
CA PHE E 214 13.99 -42.83 31.76
C PHE E 214 14.44 -42.84 33.21
N ASN E 215 15.71 -43.21 33.40
CA ASN E 215 16.36 -43.16 34.70
C ASN E 215 17.16 -41.87 34.77
N ARG E 216 17.13 -41.20 35.93
CA ARG E 216 17.80 -39.91 36.10
C ARG E 216 19.32 -39.98 35.93
N ASN E 217 19.87 -41.18 36.08
CA ASN E 217 21.30 -41.40 36.03
C ASN E 217 21.84 -41.73 34.63
N GLU E 218 20.93 -42.08 33.72
CA GLU E 218 21.27 -42.41 32.34
C GLU E 218 21.64 -41.16 31.51
N CYS E 219 21.95 -40.07 32.21
CA CYS E 219 22.34 -38.78 31.61
C CYS E 219 21.29 -38.15 30.68
N ASP F 1 -5.24 24.84 -26.79
CA ASP F 1 -4.46 25.03 -25.53
C ASP F 1 -4.02 26.49 -25.39
N VAL F 2 -4.16 27.02 -24.18
CA VAL F 2 -3.82 28.43 -23.93
C VAL F 2 -2.31 28.59 -23.86
N VAL F 3 -1.78 29.59 -24.56
CA VAL F 3 -0.32 29.79 -24.68
C VAL F 3 0.24 30.62 -23.53
N MET F 4 1.32 30.12 -22.94
CA MET F 4 1.98 30.79 -21.82
C MET F 4 3.40 31.21 -22.21
N THR F 5 3.68 32.51 -22.13
CA THR F 5 4.99 33.07 -22.47
C THR F 5 5.70 33.63 -21.22
N GLN F 6 6.88 33.08 -20.93
CA GLN F 6 7.70 33.51 -19.79
C GLN F 6 8.90 34.34 -20.22
N THR F 7 9.25 35.33 -19.41
CA THR F 7 10.34 36.25 -19.76
C THR F 7 11.19 36.56 -18.52
N PRO F 8 12.52 36.39 -18.61
CA PRO F 8 13.26 35.89 -19.76
C PRO F 8 13.47 34.37 -19.70
N LEU F 9 14.17 33.85 -20.71
CA LEU F 9 14.59 32.45 -20.78
C LEU F 9 15.53 32.07 -19.62
N THR F 10 16.61 32.83 -19.48
CA THR F 10 17.56 32.62 -18.38
C THR F 10 17.62 33.87 -17.51
N LEU F 11 17.68 33.67 -16.20
CA LEU F 11 17.82 34.76 -15.24
C LEU F 11 19.15 34.62 -14.52
N SER F 12 19.91 35.72 -14.46
CA SER F 12 21.21 35.71 -13.81
C SER F 12 21.32 36.87 -12.81
N VAL F 13 21.28 36.54 -11.52
CA VAL F 13 21.16 37.54 -10.46
C VAL F 13 22.11 37.22 -9.30
N THR F 14 22.73 38.24 -8.73
CA THR F 14 23.60 38.12 -7.55
C THR F 14 22.78 37.74 -6.31
N ILE F 15 23.37 36.96 -5.41
CA ILE F 15 22.73 36.74 -4.10
C ILE F 15 22.49 38.12 -3.47
N GLY F 16 21.37 38.26 -2.79
CA GLY F 16 21.06 39.52 -2.13
C GLY F 16 20.26 40.51 -2.96
N GLN F 17 20.07 40.22 -4.25
CA GLN F 17 19.36 41.13 -5.16
C GLN F 17 17.90 40.74 -5.38
N PRO F 18 17.04 41.70 -5.77
CA PRO F 18 15.70 41.38 -6.24
C PRO F 18 15.71 40.83 -7.65
N ALA F 19 14.87 39.82 -7.90
CA ALA F 19 14.67 39.27 -9.24
C ALA F 19 13.19 39.22 -9.59
N SER F 20 12.89 39.11 -10.89
CA SER F 20 11.51 39.10 -11.36
C SER F 20 11.37 38.29 -12.65
N ILE F 21 10.32 37.47 -12.71
CA ILE F 21 9.93 36.75 -13.92
C ILE F 21 8.54 37.22 -14.34
N SER F 22 8.33 37.30 -15.65
CA SER F 22 7.03 37.67 -16.20
C SER F 22 6.33 36.43 -16.76
N CYS F 23 5.00 36.47 -16.81
CA CYS F 23 4.20 35.42 -17.44
C CYS F 23 2.98 36.01 -18.15
N LYS F 24 2.77 35.61 -19.40
CA LYS F 24 1.68 36.15 -20.22
C LYS F 24 0.86 35.04 -20.85
N SER F 25 -0.46 35.18 -20.78
CA SER F 25 -1.36 34.21 -21.38
C SER F 25 -2.03 34.80 -22.60
N SER F 26 -2.43 33.92 -23.52
CA SER F 26 -3.11 34.32 -24.74
C SER F 26 -4.59 34.63 -24.52
N GLN F 27 -5.10 34.25 -23.35
CA GLN F 27 -6.47 34.55 -22.92
C GLN F 27 -6.45 35.08 -21.50
N SER F 28 -7.55 35.71 -21.08
CA SER F 28 -7.71 36.05 -19.67
C SER F 28 -7.78 34.76 -18.85
N LEU F 29 -7.08 34.73 -17.73
CA LEU F 29 -7.08 33.56 -16.86
C LEU F 29 -8.11 33.73 -15.73
N LEU F 30 -9.04 34.65 -15.93
CA LEU F 30 -10.13 34.87 -14.98
C LEU F 30 -11.22 33.84 -15.21
N TYR F 31 -11.36 32.93 -14.25
CA TYR F 31 -12.42 31.93 -14.26
C TYR F 31 -13.69 32.57 -13.75
N SER F 32 -14.82 32.12 -14.29
CA SER F 32 -16.11 32.74 -14.00
C SER F 32 -16.54 32.71 -12.53
N ASN F 33 -15.75 32.06 -11.68
CA ASN F 33 -16.01 32.06 -10.24
C ASN F 33 -15.17 33.09 -9.48
N GLY F 34 -14.79 34.17 -10.19
CA GLY F 34 -14.01 35.26 -9.61
C GLY F 34 -12.55 34.93 -9.35
N LYS F 35 -12.22 33.65 -9.25
CA LYS F 35 -10.85 33.22 -8.97
C LYS F 35 -9.97 33.19 -10.24
N THR F 36 -8.67 33.39 -10.06
CA THR F 36 -7.72 33.31 -11.17
C THR F 36 -6.69 32.22 -10.88
N TYR F 37 -6.69 31.19 -11.71
CA TYR F 37 -5.90 29.98 -11.46
C TYR F 37 -4.54 29.99 -12.16
N LEU F 38 -3.67 30.90 -11.71
CA LEU F 38 -2.29 30.92 -12.17
C LEU F 38 -1.37 30.45 -11.04
N ASN F 39 -0.45 29.55 -11.37
CA ASN F 39 0.45 28.95 -10.39
C ASN F 39 1.93 29.14 -10.75
N TRP F 40 2.79 29.11 -9.73
CA TRP F 40 4.23 29.18 -9.96
C TRP F 40 4.95 27.93 -9.42
N LEU F 41 5.59 27.19 -10.31
CA LEU F 41 6.32 25.97 -9.95
C LEU F 41 7.83 26.20 -9.99
N LEU F 42 8.55 25.49 -9.13
CA LEU F 42 10.01 25.52 -9.12
C LEU F 42 10.58 24.11 -9.14
N GLN F 43 11.56 23.88 -9.99
CA GLN F 43 12.17 22.57 -10.12
C GLN F 43 13.70 22.59 -10.09
N ARG F 44 14.27 21.99 -9.05
CA ARG F 44 15.71 21.74 -8.99
C ARG F 44 16.06 20.54 -9.89
N PRO F 45 17.33 20.43 -10.32
CA PRO F 45 17.69 19.29 -11.19
C PRO F 45 17.64 17.99 -10.41
N GLY F 46 17.24 16.92 -11.10
CA GLY F 46 17.05 15.62 -10.46
C GLY F 46 16.00 15.67 -9.37
N GLN F 47 14.93 16.41 -9.63
CA GLN F 47 13.88 16.60 -8.66
C GLN F 47 12.57 16.96 -9.37
N SER F 48 11.46 16.51 -8.82
CA SER F 48 10.14 16.81 -9.36
C SER F 48 9.75 18.27 -9.11
N PRO F 49 8.82 18.83 -9.91
CA PRO F 49 8.40 20.21 -9.72
C PRO F 49 7.63 20.41 -8.43
N LYS F 50 7.94 21.48 -7.70
CA LYS F 50 7.25 21.84 -6.46
C LYS F 50 6.56 23.20 -6.63
N ARG F 51 5.30 23.28 -6.21
CA ARG F 51 4.51 24.50 -6.36
C ARG F 51 4.86 25.52 -5.27
N LEU F 52 5.15 26.75 -5.70
CA LEU F 52 5.51 27.83 -4.79
C LEU F 52 4.35 28.79 -4.56
N ILE F 53 3.58 29.06 -5.61
CA ILE F 53 2.44 29.97 -5.51
C ILE F 53 1.23 29.39 -6.22
N TYR F 54 0.04 29.61 -5.65
CA TYR F 54 -1.21 29.27 -6.32
C TYR F 54 -2.18 30.45 -6.27
N LEU F 55 -3.23 30.37 -7.08
CA LEU F 55 -4.22 31.46 -7.22
C LEU F 55 -3.57 32.86 -7.24
N VAL F 56 -2.61 33.02 -8.14
CA VAL F 56 -1.89 34.29 -8.40
C VAL F 56 -0.92 34.73 -7.30
N SER F 57 -1.42 34.91 -6.08
CA SER F 57 -0.60 35.48 -5.00
C SER F 57 -0.51 34.68 -3.70
N LYS F 58 -1.28 33.59 -3.62
CA LYS F 58 -1.24 32.76 -2.40
C LYS F 58 0.00 31.85 -2.36
N LEU F 59 0.72 31.92 -1.24
CA LEU F 59 1.93 31.13 -1.01
C LEU F 59 1.60 29.77 -0.44
N ASP F 60 2.36 28.76 -0.85
CA ASP F 60 2.25 27.43 -0.24
C ASP F 60 2.92 27.41 1.14
N SER F 61 2.67 26.37 1.91
CA SER F 61 3.33 26.20 3.21
C SER F 61 4.83 25.99 3.01
N GLY F 62 5.61 26.60 3.89
CA GLY F 62 7.07 26.50 3.83
C GLY F 62 7.68 27.62 3.01
N VAL F 63 7.05 27.92 1.87
CA VAL F 63 7.49 28.97 0.97
C VAL F 63 7.83 30.27 1.74
N PRO F 64 9.07 30.79 1.52
CA PRO F 64 9.55 32.01 2.16
C PRO F 64 8.74 33.25 1.79
N ASP F 65 8.86 34.28 2.63
CA ASP F 65 8.11 35.54 2.51
C ASP F 65 8.60 36.42 1.35
N ARG F 66 9.71 36.00 0.73
CA ARG F 66 10.40 36.77 -0.29
C ARG F 66 9.77 36.59 -1.66
N PHE F 67 8.99 35.51 -1.80
CA PHE F 67 8.27 35.22 -3.05
C PHE F 67 6.91 35.90 -3.08
N THR F 68 6.65 36.64 -4.17
CA THR F 68 5.46 37.45 -4.31
C THR F 68 4.86 37.32 -5.71
N GLY F 69 3.57 37.00 -5.79
CA GLY F 69 2.86 36.88 -7.05
C GLY F 69 1.87 38.01 -7.28
N SER F 70 1.74 38.44 -8.53
CA SER F 70 0.94 39.60 -8.91
C SER F 70 0.20 39.36 -10.23
N GLY F 71 -0.62 40.32 -10.64
CA GLY F 71 -1.26 40.29 -11.94
C GLY F 71 -2.70 39.81 -11.94
N SER F 72 -3.39 40.02 -13.06
CA SER F 72 -4.81 39.69 -13.12
C SER F 72 -5.28 38.96 -14.39
N GLY F 73 -5.29 39.64 -15.54
CA GLY F 73 -5.90 39.06 -16.73
C GLY F 73 -4.98 38.16 -17.52
N THR F 74 -4.04 38.79 -18.23
CA THR F 74 -3.13 38.09 -19.12
C THR F 74 -1.67 38.33 -18.74
N ASP F 75 -1.45 39.11 -17.69
CA ASP F 75 -0.11 39.52 -17.27
C ASP F 75 0.15 39.22 -15.81
N PHE F 76 1.27 38.56 -15.52
CA PHE F 76 1.56 38.07 -14.19
C PHE F 76 3.04 38.16 -13.88
N THR F 77 3.38 38.26 -12.60
CA THR F 77 4.76 38.46 -12.18
C THR F 77 5.08 37.69 -10.90
N LEU F 78 6.25 37.06 -10.88
CA LEU F 78 6.79 36.46 -9.67
C LEU F 78 8.04 37.21 -9.22
N LYS F 79 7.97 37.88 -8.08
CA LYS F 79 9.14 38.57 -7.52
C LYS F 79 9.82 37.73 -6.46
N ILE F 80 11.11 37.47 -6.65
CA ILE F 80 11.98 37.03 -5.56
C ILE F 80 12.67 38.29 -5.08
N SER F 81 12.35 38.71 -3.85
CA SER F 81 12.81 39.99 -3.32
C SER F 81 14.27 40.01 -2.92
N ARG F 82 14.79 38.87 -2.48
CA ARG F 82 16.19 38.72 -2.17
C ARG F 82 16.65 37.31 -2.53
N VAL F 83 17.29 37.19 -3.69
CA VAL F 83 17.77 35.91 -4.22
C VAL F 83 18.73 35.25 -3.25
N GLU F 84 18.52 33.95 -2.99
CA GLU F 84 19.44 33.19 -2.17
C GLU F 84 19.93 31.91 -2.86
N ALA F 85 21.01 31.33 -2.35
CA ALA F 85 21.70 30.20 -2.99
C ALA F 85 20.81 28.97 -3.20
N GLU F 86 19.78 28.84 -2.37
CA GLU F 86 18.85 27.70 -2.44
C GLU F 86 17.82 27.87 -3.54
N ASP F 87 17.71 29.09 -4.06
CA ASP F 87 16.67 29.46 -5.03
C ASP F 87 16.89 28.93 -6.45
N LEU F 88 18.01 28.27 -6.69
CA LEU F 88 18.34 27.83 -8.04
C LEU F 88 17.48 26.67 -8.51
N GLY F 89 17.06 26.76 -9.77
CA GLY F 89 16.23 25.74 -10.42
C GLY F 89 15.57 26.32 -11.67
N ILE F 90 14.56 25.64 -12.18
CA ILE F 90 13.75 26.19 -13.27
C ILE F 90 12.36 26.56 -12.77
N TYR F 91 11.96 27.81 -13.02
CA TYR F 91 10.66 28.31 -12.61
C TYR F 91 9.69 28.30 -13.78
N TYR F 92 8.53 27.68 -13.58
CA TYR F 92 7.47 27.70 -14.58
C TYR F 92 6.26 28.41 -14.05
N CYS F 93 5.57 29.16 -14.90
CA CYS F 93 4.20 29.52 -14.63
C CYS F 93 3.32 28.49 -15.31
N VAL F 94 2.25 28.08 -14.64
CA VAL F 94 1.30 27.13 -15.19
C VAL F 94 -0.13 27.63 -14.95
N GLN F 95 -0.95 27.63 -15.99
CA GLN F 95 -2.34 28.07 -15.86
C GLN F 95 -3.28 26.89 -15.64
N GLY F 96 -4.33 27.12 -14.87
CA GLY F 96 -5.30 26.07 -14.57
C GLY F 96 -6.74 26.49 -14.78
N THR F 97 -6.95 27.68 -15.33
CA THR F 97 -8.29 28.20 -15.59
C THR F 97 -8.96 27.42 -16.71
N HIS F 98 -8.22 27.24 -17.81
CA HIS F 98 -8.75 26.57 -18.98
C HIS F 98 -8.10 25.21 -19.19
N PHE F 99 -8.93 24.20 -19.42
CA PHE F 99 -8.43 22.87 -19.71
C PHE F 99 -7.79 22.84 -21.10
N PRO F 100 -6.55 22.32 -21.20
CA PRO F 100 -5.77 21.69 -20.14
C PRO F 100 -4.73 22.61 -19.49
N TYR F 101 -4.10 22.13 -18.42
CA TYR F 101 -2.96 22.80 -17.80
C TYR F 101 -1.91 23.06 -18.88
N THR F 102 -1.47 24.32 -19.00
CA THR F 102 -0.38 24.65 -19.89
C THR F 102 0.72 25.38 -19.15
N PHE F 103 1.96 25.15 -19.57
CA PHE F 103 3.13 25.66 -18.87
C PHE F 103 3.83 26.77 -19.66
N GLY F 104 4.72 27.49 -18.98
CA GLY F 104 5.57 28.47 -19.65
C GLY F 104 6.76 27.78 -20.26
N GLY F 105 7.69 28.57 -20.79
CA GLY F 105 8.92 28.04 -21.37
C GLY F 105 9.97 27.71 -20.32
N GLY F 106 9.70 28.09 -19.08
CA GLY F 106 10.66 27.93 -17.99
C GLY F 106 11.59 29.12 -17.86
N THR F 107 12.05 29.37 -16.65
CA THR F 107 13.08 30.37 -16.40
C THR F 107 14.12 29.76 -15.48
N LYS F 108 15.32 29.55 -16.01
CA LYS F 108 16.42 29.01 -15.23
C LYS F 108 17.11 30.15 -14.49
N LEU F 109 17.13 30.06 -13.17
CA LEU F 109 17.80 31.06 -12.34
C LEU F 109 19.23 30.62 -12.07
N GLU F 110 20.17 31.45 -12.51
CA GLU F 110 21.58 31.26 -12.21
C GLU F 110 22.01 32.34 -11.23
N ILE F 111 22.71 31.92 -10.18
CA ILE F 111 23.10 32.82 -9.10
C ILE F 111 24.48 33.44 -9.34
N LYS F 112 24.54 34.77 -9.27
CA LYS F 112 25.83 35.46 -9.32
C LYS F 112 26.49 35.51 -7.95
N ARG F 113 27.79 35.76 -7.95
CA ARG F 113 28.65 35.50 -6.81
C ARG F 113 30.01 36.20 -7.01
N ALA F 114 30.79 36.32 -5.94
CA ALA F 114 32.18 36.77 -6.04
C ALA F 114 33.01 35.66 -6.67
N ASP F 115 33.95 36.05 -7.52
CA ASP F 115 34.78 35.10 -8.26
C ASP F 115 35.51 34.12 -7.34
N ALA F 116 35.62 32.87 -7.80
CA ALA F 116 36.36 31.84 -7.06
C ALA F 116 37.17 30.95 -8.03
N ALA F 117 38.42 30.69 -7.65
CA ALA F 117 39.34 29.88 -8.46
C ALA F 117 39.09 28.38 -8.29
N PRO F 118 39.23 27.60 -9.38
CA PRO F 118 38.99 26.15 -9.31
C PRO F 118 40.10 25.39 -8.61
N THR F 119 39.77 24.23 -8.05
CA THR F 119 40.76 23.31 -7.52
C THR F 119 40.97 22.18 -8.53
N VAL F 120 41.98 22.36 -9.38
CA VAL F 120 42.25 21.44 -10.49
C VAL F 120 43.06 20.21 -10.03
N SER F 121 42.65 19.04 -10.49
CA SER F 121 43.35 17.78 -10.22
C SER F 121 43.36 16.89 -11.45
N ILE F 122 44.56 16.41 -11.80
CA ILE F 122 44.73 15.53 -12.97
C ILE F 122 44.82 14.05 -12.55
N PHE F 123 44.31 13.17 -13.41
CA PHE F 123 44.31 11.73 -13.13
C PHE F 123 44.74 10.93 -14.35
N PRO F 124 45.76 10.07 -14.19
CA PRO F 124 46.21 9.20 -15.29
C PRO F 124 45.16 8.14 -15.61
N PRO F 125 45.24 7.54 -16.82
CA PRO F 125 44.36 6.41 -17.14
C PRO F 125 44.50 5.28 -16.13
N SER F 126 43.38 4.59 -15.87
CA SER F 126 43.36 3.49 -14.92
C SER F 126 44.10 2.28 -15.46
N SER F 127 44.62 1.46 -14.54
CA SER F 127 45.32 0.23 -14.88
C SER F 127 44.39 -0.78 -15.55
N GLU F 128 43.09 -0.64 -15.33
CA GLU F 128 42.08 -1.54 -15.86
C GLU F 128 41.58 -1.17 -17.25
N GLN F 129 41.68 0.12 -17.59
CA GLN F 129 41.31 0.59 -18.93
C GLN F 129 42.38 0.24 -19.96
N LEU F 130 43.64 0.34 -19.55
CA LEU F 130 44.76 -0.08 -20.39
C LEU F 130 44.67 -1.56 -20.70
N THR F 131 44.20 -2.34 -19.73
CA THR F 131 43.91 -3.76 -19.91
C THR F 131 42.86 -3.99 -21.02
N SER F 132 41.84 -3.13 -21.06
CA SER F 132 40.77 -3.25 -22.05
C SER F 132 41.24 -2.89 -23.46
N GLY F 133 41.84 -1.70 -23.61
CA GLY F 133 42.34 -1.26 -24.91
C GLY F 133 42.27 0.25 -25.14
N GLY F 134 41.66 0.95 -24.19
CA GLY F 134 41.56 2.41 -24.25
C GLY F 134 42.33 3.09 -23.15
N ALA F 135 42.44 4.42 -23.25
CA ALA F 135 43.11 5.21 -22.24
C ALA F 135 42.56 6.63 -22.21
N SER F 136 42.03 7.03 -21.06
CA SER F 136 41.47 8.37 -20.91
C SER F 136 42.05 9.11 -19.71
N VAL F 137 42.51 10.33 -19.98
CA VAL F 137 43.12 11.18 -18.96
C VAL F 137 42.09 12.21 -18.50
N VAL F 138 41.85 12.24 -17.19
CA VAL F 138 40.79 13.05 -16.61
C VAL F 138 41.35 14.19 -15.75
N CYS F 139 40.72 15.36 -15.88
CA CYS F 139 41.10 16.52 -15.12
C CYS F 139 39.85 17.15 -14.50
N PHE F 140 39.81 17.22 -13.16
CA PHE F 140 38.68 17.82 -12.45
C PHE F 140 38.96 19.27 -12.11
N LEU F 141 37.96 20.12 -12.33
CA LEU F 141 38.05 21.53 -11.99
C LEU F 141 36.89 21.86 -11.05
N ASN F 142 37.19 21.97 -9.77
CA ASN F 142 36.14 21.99 -8.75
C ASN F 142 35.91 23.32 -8.05
N ASN F 143 34.62 23.61 -7.82
CA ASN F 143 34.17 24.73 -6.98
C ASN F 143 34.65 26.09 -7.43
N PHE F 144 34.31 26.46 -8.65
CA PHE F 144 34.71 27.77 -9.20
C PHE F 144 33.52 28.65 -9.59
N TYR F 145 33.80 29.94 -9.75
CA TYR F 145 32.85 30.91 -10.31
C TYR F 145 33.62 32.05 -10.97
N PRO F 146 33.19 32.51 -12.16
CA PRO F 146 31.98 32.16 -12.93
C PRO F 146 32.04 30.86 -13.71
N LYS F 147 30.92 30.53 -14.36
CA LYS F 147 30.73 29.30 -15.13
C LYS F 147 31.74 29.16 -16.27
N ASP F 148 32.04 30.27 -16.93
CA ASP F 148 32.96 30.32 -18.07
C ASP F 148 34.34 29.86 -17.65
N ILE F 149 34.79 28.75 -18.24
CA ILE F 149 36.14 28.26 -18.00
C ILE F 149 36.68 27.59 -19.26
N ASN F 150 38.01 27.64 -19.43
CA ASN F 150 38.64 27.03 -20.58
C ASN F 150 39.70 26.02 -20.17
N VAL F 151 39.65 24.83 -20.78
CA VAL F 151 40.58 23.75 -20.49
C VAL F 151 41.32 23.35 -21.76
N LYS F 152 42.65 23.45 -21.72
CA LYS F 152 43.50 22.99 -22.80
C LYS F 152 44.16 21.67 -22.40
N TRP F 153 44.20 20.73 -23.33
CA TRP F 153 44.94 19.49 -23.13
C TRP F 153 46.22 19.52 -23.93
N LYS F 154 47.30 19.00 -23.34
CA LYS F 154 48.59 18.96 -24.01
C LYS F 154 49.25 17.58 -23.91
N ILE F 155 49.52 17.00 -25.07
CA ILE F 155 50.35 15.82 -25.16
C ILE F 155 51.74 16.26 -25.61
N ASP F 156 52.73 16.03 -24.74
CA ASP F 156 54.11 16.46 -24.97
C ASP F 156 54.23 17.91 -25.44
N GLY F 157 53.70 18.82 -24.63
CA GLY F 157 53.73 20.26 -24.92
C GLY F 157 53.07 20.66 -26.22
N SER F 158 52.09 19.88 -26.66
CA SER F 158 51.37 20.15 -27.89
C SER F 158 49.86 19.98 -27.71
N GLU F 159 49.12 21.04 -28.04
CA GLU F 159 47.67 21.10 -27.83
C GLU F 159 46.89 20.01 -28.58
N ARG F 160 46.03 19.30 -27.86
CA ARG F 160 45.14 18.28 -28.42
C ARG F 160 43.68 18.69 -28.24
N GLN F 161 42.89 18.59 -29.31
CA GLN F 161 41.48 18.98 -29.28
C GLN F 161 40.51 17.83 -29.58
N ASN F 162 40.97 16.81 -30.27
CA ASN F 162 40.14 15.63 -30.56
C ASN F 162 40.05 14.68 -29.37
N GLY F 163 38.84 14.22 -29.07
CA GLY F 163 38.61 13.24 -28.01
C GLY F 163 38.30 13.80 -26.63
N VAL F 164 38.20 15.14 -26.53
CA VAL F 164 37.95 15.83 -25.27
C VAL F 164 36.45 15.91 -24.95
N LEU F 165 36.09 15.54 -23.73
CA LEU F 165 34.70 15.59 -23.26
C LEU F 165 34.57 16.41 -21.98
N ASN F 166 33.85 17.53 -22.08
CA ASN F 166 33.67 18.47 -20.99
C ASN F 166 32.24 18.48 -20.45
N SER F 167 32.09 18.50 -19.13
CA SER F 167 30.77 18.62 -18.52
C SER F 167 30.80 19.46 -17.24
N TRP F 168 29.94 20.47 -17.20
CA TRP F 168 29.74 21.29 -16.00
C TRP F 168 28.64 20.67 -15.14
N THR F 169 28.76 20.84 -13.83
CA THR F 169 27.68 20.46 -12.90
C THR F 169 26.64 21.56 -12.83
N ASP F 170 25.47 21.22 -12.27
CA ASP F 170 24.48 22.21 -11.89
C ASP F 170 25.05 22.99 -10.72
N GLN F 171 24.73 24.28 -10.66
CA GLN F 171 25.24 25.14 -9.59
C GLN F 171 24.92 24.57 -8.21
N ASP F 172 25.84 24.77 -7.27
CA ASP F 172 25.64 24.31 -5.89
C ASP F 172 24.56 25.14 -5.18
N SER F 173 23.65 24.45 -4.50
CA SER F 173 22.57 25.12 -3.77
C SER F 173 23.03 25.72 -2.45
N LYS F 174 24.24 25.36 -2.02
CA LYS F 174 24.81 25.87 -0.77
C LYS F 174 25.78 27.03 -1.00
N ASP F 175 26.80 26.83 -1.84
CA ASP F 175 27.82 27.85 -2.07
C ASP F 175 27.86 28.44 -3.49
N SER F 176 26.85 28.11 -4.29
CA SER F 176 26.66 28.68 -5.64
C SER F 176 27.91 28.61 -6.54
N THR F 177 28.52 27.42 -6.60
CA THR F 177 29.71 27.21 -7.44
C THR F 177 29.49 26.14 -8.49
N TYR F 178 30.19 26.28 -9.62
CA TYR F 178 30.19 25.28 -10.66
C TYR F 178 31.41 24.38 -10.53
N SER F 179 31.30 23.17 -11.07
CA SER F 179 32.42 22.24 -11.13
C SER F 179 32.42 21.54 -12.48
N MET F 180 33.60 21.41 -13.07
CA MET F 180 33.72 20.83 -14.40
C MET F 180 34.69 19.66 -14.46
N SER F 181 34.39 18.70 -15.33
CA SER F 181 35.22 17.53 -15.57
C SER F 181 35.59 17.43 -17.05
N SER F 182 36.90 17.29 -17.32
CA SER F 182 37.41 17.16 -18.68
C SER F 182 38.08 15.80 -18.89
N THR F 183 37.65 15.09 -19.95
CA THR F 183 38.16 13.75 -20.24
C THR F 183 38.76 13.65 -21.64
N LEU F 184 40.07 13.41 -21.70
CA LEU F 184 40.77 13.18 -22.96
C LEU F 184 40.83 11.69 -23.26
N THR F 185 40.41 11.30 -24.46
CA THR F 185 40.30 9.89 -24.82
C THR F 185 41.26 9.48 -25.94
N LEU F 186 42.04 8.44 -25.68
CA LEU F 186 43.03 7.91 -26.63
C LEU F 186 43.01 6.39 -26.63
N THR F 187 43.58 5.79 -27.66
CA THR F 187 43.76 4.33 -27.70
C THR F 187 44.97 3.95 -26.84
N LYS F 188 44.98 2.70 -26.38
CA LYS F 188 46.10 2.16 -25.59
C LYS F 188 47.44 2.39 -26.30
N ASP F 189 47.44 2.22 -27.62
CA ASP F 189 48.62 2.45 -28.46
C ASP F 189 49.10 3.90 -28.40
N GLU F 190 48.19 4.82 -28.68
CA GLU F 190 48.49 6.26 -28.75
C GLU F 190 49.04 6.80 -27.44
N TYR F 191 48.48 6.34 -26.33
CA TYR F 191 48.90 6.76 -25.00
C TYR F 191 50.34 6.37 -24.69
N GLU F 192 50.71 5.16 -25.11
CA GLU F 192 52.04 4.63 -24.84
C GLU F 192 53.12 5.25 -25.73
N ARG F 193 52.71 5.90 -26.81
CA ARG F 193 53.65 6.56 -27.72
C ARG F 193 54.05 7.96 -27.26
N HIS F 194 53.55 8.36 -26.09
CA HIS F 194 53.86 9.67 -25.51
C HIS F 194 54.12 9.56 -24.00
N ASN F 195 54.53 10.67 -23.38
CA ASN F 195 54.95 10.64 -21.98
C ASN F 195 54.40 11.79 -21.13
N SER F 196 54.57 13.02 -21.61
CA SER F 196 54.17 14.21 -20.87
C SER F 196 52.73 14.63 -21.17
N TYR F 197 51.85 14.44 -20.19
CA TYR F 197 50.42 14.76 -20.34
C TYR F 197 50.00 15.90 -19.40
N THR F 198 49.51 16.98 -20.00
CA THR F 198 49.27 18.23 -19.28
C THR F 198 47.82 18.69 -19.37
N CYS F 199 47.35 19.34 -18.31
CA CYS F 199 46.01 19.87 -18.21
C CYS F 199 46.11 21.36 -17.85
N GLU F 200 45.61 22.21 -18.74
CA GLU F 200 45.86 23.66 -18.65
C GLU F 200 44.54 24.44 -18.56
N ALA F 201 44.23 24.91 -17.34
CA ALA F 201 42.95 25.55 -17.08
C ALA F 201 43.05 27.07 -16.96
N THR F 202 42.34 27.77 -17.84
CA THR F 202 42.29 29.23 -17.80
C THR F 202 40.96 29.72 -17.24
N HIS F 203 41.07 30.61 -16.26
CA HIS F 203 39.93 31.19 -15.57
C HIS F 203 40.18 32.69 -15.42
N LYS F 204 39.11 33.46 -15.23
CA LYS F 204 39.25 34.92 -15.07
C LYS F 204 39.86 35.32 -13.72
N THR F 205 40.02 34.35 -12.82
CA THR F 205 40.61 34.59 -11.49
C THR F 205 42.10 34.96 -11.51
N SER F 206 42.82 34.53 -12.56
CA SER F 206 44.21 34.96 -12.79
C SER F 206 44.63 34.90 -14.26
N THR F 207 45.56 35.77 -14.64
CA THR F 207 46.16 35.79 -15.97
C THR F 207 46.89 34.48 -16.26
N SER F 208 47.55 33.95 -15.23
CA SER F 208 48.29 32.69 -15.34
C SER F 208 47.35 31.49 -15.24
N PRO F 209 47.49 30.50 -16.16
CA PRO F 209 46.67 29.29 -16.08
C PRO F 209 47.06 28.39 -14.92
N ILE F 210 46.12 27.55 -14.50
CA ILE F 210 46.39 26.54 -13.48
C ILE F 210 46.83 25.25 -14.18
N VAL F 211 48.11 24.92 -14.01
CA VAL F 211 48.74 23.85 -14.78
C VAL F 211 48.95 22.58 -13.94
N LYS F 212 48.26 21.51 -14.30
CA LYS F 212 48.47 20.20 -13.68
C LYS F 212 48.92 19.18 -14.72
N SER F 213 49.99 18.46 -14.43
CA SER F 213 50.59 17.55 -15.38
C SER F 213 51.19 16.31 -14.73
N PHE F 214 51.46 15.29 -15.55
CA PHE F 214 52.18 14.10 -15.10
C PHE F 214 52.98 13.48 -16.25
N ASN F 215 53.99 12.68 -15.88
CA ASN F 215 54.75 11.90 -16.85
C ASN F 215 54.45 10.42 -16.71
N ARG F 216 54.20 9.76 -17.84
CA ARG F 216 53.81 8.35 -17.91
C ARG F 216 54.63 7.41 -17.03
N ASN F 217 55.95 7.41 -17.27
CA ASN F 217 56.86 6.47 -16.61
C ASN F 217 57.11 6.76 -15.13
N GLU F 218 57.09 8.04 -14.78
CA GLU F 218 57.43 8.51 -13.42
C GLU F 218 56.44 8.02 -12.35
N CYS F 219 56.62 6.76 -11.94
CA CYS F 219 55.83 6.12 -10.89
C CYS F 219 56.47 4.80 -10.45
#